data_5OC3
#
_entry.id   5OC3
#
_cell.length_a   70.157
_cell.length_b   83.081
_cell.length_c   175.795
_cell.angle_alpha   90.00
_cell.angle_beta   90.00
_cell.angle_gamma   90.00
#
_symmetry.space_group_name_H-M   'P 21 21 21'
#
loop_
_entity.id
_entity.type
_entity.pdbx_description
1 polymer 'Fructosyl amine:oxygen oxidoreductase'
2 non-polymer 'FLAVIN-ADENINE DINUCLEOTIDE'
3 non-polymer GLYCEROL
4 water water
#
_entity_poly.entity_id   1
_entity_poly.type   'polypeptide(L)'
_entity_poly.pdbx_seq_one_letter_code
;HHHHHHSSGHIDDDDKMAPSILSTESSIIVIGAGTWGCSTALHLARRGYKDVTVLDPHPVPSPIAAGNDINKIMEHSELK
DGCSDPRSAAFSTFTRAALKAWKTDPVFQPYFHETGFIISGHTPALIDHIRKDEVECSETNFVKLETAEDFRRTMPPGVL
TGDFPGWKGWLHKSGAGWIHAKKAMISAFNEAKRLGVRFVTGSPEGNVVSLVYEDGDVVGARTADGRVHKAHRTILSAGA
GSDSLLDFKKQLRPTAWTLCHIQMGPEEVKQYRNLPVLFNIAKGFFMEPDEDKHELKICDEHPGYCNFLPDPNRPGQEKS
VPFAKHQIPLEAEARARDFLHDTMPHLADRPLSFARICWDADTPDRAFLIDRHPEHPSLLVAVGGSGNGAMQMPTIGGFI
ADALESKLQKEVKDIVRWRPETAVDRDWRATQNRFGGPDRIMDFQQVGEDQWTKIGESRGP
;
_entity_poly.pdbx_strand_id   A,B
#
loop_
_chem_comp.id
_chem_comp.type
_chem_comp.name
_chem_comp.formula
FAD non-polymer 'FLAVIN-ADENINE DINUCLEOTIDE' 'C27 H33 N9 O15 P2'
GOL non-polymer GLYCEROL 'C3 H8 O3'
#
# COMPACT_ATOMS: atom_id res chain seq x y z
N ALA A 18 27.53 -15.77 -14.43
CA ALA A 18 28.31 -16.21 -13.28
C ALA A 18 27.97 -17.63 -12.78
N PRO A 19 26.66 -17.91 -12.51
CA PRO A 19 26.40 -19.28 -12.01
C PRO A 19 26.54 -20.33 -13.10
N SER A 20 26.74 -21.58 -12.71
CA SER A 20 26.82 -22.68 -13.66
C SER A 20 25.54 -22.75 -14.50
N ILE A 21 25.65 -23.23 -15.74
CA ILE A 21 24.50 -23.31 -16.61
C ILE A 21 23.51 -24.34 -16.06
N LEU A 22 22.25 -23.93 -15.89
CA LEU A 22 21.24 -24.86 -15.37
C LEU A 22 20.83 -25.90 -16.41
N SER A 23 20.91 -27.18 -16.04
CA SER A 23 20.33 -28.24 -16.86
C SER A 23 19.67 -29.30 -15.96
N THR A 24 19.01 -30.28 -16.57
CA THR A 24 18.37 -31.33 -15.79
C THR A 24 19.39 -32.26 -15.14
N GLU A 25 20.66 -32.05 -15.47
CA GLU A 25 21.73 -32.84 -14.86
C GLU A 25 22.39 -32.06 -13.72
N SER A 26 22.05 -30.78 -13.60
CA SER A 26 22.55 -29.96 -12.49
C SER A 26 22.10 -30.54 -11.15
N SER A 27 23.06 -30.76 -10.25
CA SER A 27 22.72 -31.16 -8.89
C SER A 27 21.97 -30.02 -8.19
N ILE A 28 20.93 -30.38 -7.45
CA ILE A 28 20.05 -29.41 -6.81
C ILE A 28 19.81 -29.82 -5.37
N ILE A 29 19.96 -28.86 -4.47
CA ILE A 29 19.62 -29.08 -3.06
C ILE A 29 18.38 -28.27 -2.66
N VAL A 30 17.44 -28.94 -2.00
CA VAL A 30 16.26 -28.26 -1.47
C VAL A 30 16.39 -28.35 0.03
N ILE A 31 16.40 -27.19 0.70
CA ILE A 31 16.49 -27.14 2.15
C ILE A 31 15.09 -27.01 2.73
N GLY A 32 14.60 -28.08 3.37
CA GLY A 32 13.25 -28.08 3.92
C GLY A 32 12.28 -28.97 3.13
N ALA A 33 11.89 -30.08 3.75
CA ALA A 33 10.95 -31.03 3.16
C ALA A 33 9.53 -30.80 3.70
N GLY A 34 9.06 -29.55 3.64
CA GLY A 34 7.73 -29.21 4.13
C GLY A 34 6.75 -28.99 3.00
N THR A 35 5.78 -28.09 3.21
CA THR A 35 4.72 -27.85 2.24
C THR A 35 5.32 -27.50 0.87
N TRP A 36 6.17 -26.48 0.88
CA TRP A 36 6.73 -25.97 -0.36
C TRP A 36 7.90 -26.79 -0.88
N GLY A 37 8.71 -27.34 0.02
CA GLY A 37 9.84 -28.18 -0.38
C GLY A 37 9.43 -29.49 -1.05
N CYS A 38 8.45 -30.18 -0.46
CA CYS A 38 7.97 -31.42 -1.07
C CYS A 38 7.34 -31.15 -2.44
N SER A 39 6.60 -30.06 -2.55
CA SER A 39 6.01 -29.66 -3.83
C SER A 39 7.11 -29.36 -4.86
N THR A 40 8.13 -28.64 -4.45
CA THR A 40 9.25 -28.32 -5.35
C THR A 40 9.99 -29.58 -5.79
N ALA A 41 10.23 -30.49 -4.85
CA ALA A 41 10.87 -31.76 -5.18
C ALA A 41 10.08 -32.55 -6.23
N LEU A 42 8.76 -32.60 -6.06
CA LEU A 42 7.90 -33.31 -6.99
C LEU A 42 7.90 -32.66 -8.39
N HIS A 43 7.79 -31.34 -8.44
CA HIS A 43 7.81 -30.65 -9.72
C HIS A 43 9.15 -30.81 -10.46
N LEU A 44 10.25 -30.66 -9.73
CA LEU A 44 11.59 -30.84 -10.31
C LEU A 44 11.73 -32.26 -10.88
N ALA A 45 11.25 -33.25 -10.16
CA ALA A 45 11.33 -34.63 -10.62
C ALA A 45 10.47 -34.81 -11.87
N ARG A 46 9.25 -34.26 -11.85
CA ARG A 46 8.39 -34.34 -13.03
C ARG A 46 9.00 -33.68 -14.25
N ARG A 47 9.78 -32.62 -14.04
CA ARG A 47 10.45 -31.91 -15.13
C ARG A 47 11.73 -32.61 -15.62
N GLY A 48 12.10 -33.69 -14.96
CA GLY A 48 13.21 -34.49 -15.46
C GLY A 48 14.53 -34.24 -14.78
N TYR A 49 14.54 -33.45 -13.72
CA TYR A 49 15.78 -33.23 -12.97
C TYR A 49 16.18 -34.53 -12.26
N LYS A 50 17.40 -34.96 -12.53
CA LYS A 50 17.83 -36.30 -12.13
C LYS A 50 18.60 -36.35 -10.81
N ASP A 51 19.04 -35.20 -10.32
CA ASP A 51 19.91 -35.14 -9.14
C ASP A 51 19.38 -34.07 -8.17
N VAL A 52 18.37 -34.45 -7.41
CA VAL A 52 17.72 -33.57 -6.44
C VAL A 52 17.82 -34.21 -5.08
N THR A 53 18.32 -33.45 -4.11
CA THR A 53 18.40 -33.93 -2.74
C THR A 53 17.67 -32.94 -1.82
N VAL A 54 16.81 -33.46 -0.95
CA VAL A 54 16.07 -32.62 0.00
C VAL A 54 16.61 -32.87 1.41
N LEU A 55 16.93 -31.79 2.12
CA LEU A 55 17.41 -31.87 3.52
C LEU A 55 16.36 -31.37 4.54
N ASP A 56 16.17 -32.12 5.62
CA ASP A 56 15.28 -31.70 6.70
C ASP A 56 15.77 -32.32 8.00
N PRO A 57 15.72 -31.56 9.12
CA PRO A 57 16.07 -32.12 10.42
C PRO A 57 15.07 -33.17 10.90
N HIS A 58 13.90 -33.25 10.25
CA HIS A 58 12.90 -34.25 10.64
C HIS A 58 12.41 -35.08 9.45
N PRO A 59 12.08 -36.36 9.69
CA PRO A 59 11.40 -37.11 8.62
C PRO A 59 10.00 -36.56 8.27
N VAL A 60 9.59 -36.75 7.03
CA VAL A 60 8.29 -36.27 6.55
C VAL A 60 7.21 -37.18 7.13
N PRO A 61 6.13 -36.59 7.68
CA PRO A 61 5.88 -35.14 7.79
C PRO A 61 6.56 -34.57 9.03
N SER A 62 7.30 -33.47 8.85
CA SER A 62 8.02 -32.85 9.95
C SER A 62 7.05 -32.34 11.03
N PRO A 63 7.36 -32.57 12.31
CA PRO A 63 6.51 -32.07 13.41
C PRO A 63 6.43 -30.54 13.45
N ILE A 64 7.43 -29.86 12.90
CA ILE A 64 7.41 -28.40 12.89
C ILE A 64 6.97 -27.78 11.56
N ALA A 65 6.59 -28.61 10.59
CA ALA A 65 6.10 -28.05 9.31
C ALA A 65 4.71 -27.49 9.56
N ALA A 66 4.47 -26.25 9.14
CA ALA A 66 3.12 -25.68 9.28
C ALA A 66 2.13 -26.47 8.41
N GLY A 67 2.64 -27.13 7.35
CA GLY A 67 1.79 -27.92 6.48
C GLY A 67 1.41 -29.26 7.08
N ASN A 68 2.08 -29.63 8.17
CA ASN A 68 1.74 -30.88 8.86
C ASN A 68 0.52 -30.69 9.76
N ASP A 69 -0.67 -30.82 9.17
CA ASP A 69 -1.92 -30.44 9.81
C ASP A 69 -3.03 -31.30 9.16
N ILE A 70 -3.95 -31.82 9.96
CA ILE A 70 -5.03 -32.66 9.44
C ILE A 70 -5.95 -31.92 8.46
N ASN A 71 -5.94 -30.59 8.51
CA ASN A 71 -6.68 -29.79 7.54
C ASN A 71 -6.14 -28.36 7.45
N LYS A 72 -6.35 -27.74 6.30
CA LYS A 72 -6.11 -26.31 6.08
C LYS A 72 -7.22 -25.85 5.15
N ILE A 73 -7.46 -24.53 5.11
CA ILE A 73 -8.46 -23.94 4.24
C ILE A 73 -7.89 -23.70 2.83
N MET A 74 -8.68 -24.02 1.81
CA MET A 74 -8.37 -23.70 0.43
C MET A 74 -9.48 -22.76 -0.07
N GLU A 75 -9.09 -21.65 -0.65
CA GLU A 75 -10.07 -20.72 -1.23
C GLU A 75 -9.52 -19.96 -2.43
N HIS A 76 -10.31 -19.91 -3.49
CA HIS A 76 -9.99 -19.09 -4.64
C HIS A 76 -11.13 -18.13 -4.96
N SER A 77 -10.79 -16.86 -5.15
CA SER A 77 -11.75 -15.84 -5.57
C SER A 77 -11.27 -15.13 -6.84
N GLU A 78 -12.18 -14.89 -7.77
CA GLU A 78 -11.91 -13.99 -8.88
C GLU A 78 -12.35 -12.58 -8.45
N LEU A 79 -11.52 -11.59 -8.74
CA LEU A 79 -11.75 -10.24 -8.26
C LEU A 79 -12.41 -9.38 -9.30
N LYS A 80 -13.36 -8.53 -8.87
CA LYS A 80 -13.89 -7.51 -9.76
C LYS A 80 -12.75 -6.60 -10.20
N ASP A 81 -12.85 -6.02 -11.39
CA ASP A 81 -11.77 -5.23 -11.97
C ASP A 81 -11.24 -4.10 -11.07
N GLY A 82 -12.16 -3.33 -10.49
CA GLY A 82 -11.79 -2.22 -9.64
C GLY A 82 -11.20 -2.58 -8.29
N CYS A 83 -11.03 -3.87 -8.03
CA CYS A 83 -10.40 -4.34 -6.79
C CYS A 83 -9.09 -5.11 -7.07
N SER A 84 -8.70 -5.21 -8.33
CA SER A 84 -7.55 -6.05 -8.68
C SER A 84 -6.22 -5.29 -8.83
N ASP A 85 -5.66 -4.85 -7.72
CA ASP A 85 -4.28 -4.34 -7.70
C ASP A 85 -3.29 -5.45 -8.08
N PRO A 86 -2.03 -5.09 -8.42
CA PRO A 86 -1.03 -6.10 -8.81
C PRO A 86 -0.83 -7.24 -7.81
N ARG A 87 -0.79 -6.91 -6.52
CA ARG A 87 -0.57 -7.90 -5.48
C ARG A 87 -1.72 -8.92 -5.37
N SER A 88 -2.96 -8.44 -5.35
CA SER A 88 -4.08 -9.37 -5.24
C SER A 88 -4.30 -10.16 -6.55
N ALA A 89 -3.91 -9.58 -7.69
CA ALA A 89 -4.00 -10.28 -8.97
C ALA A 89 -2.99 -11.42 -9.00
N ALA A 90 -1.79 -11.15 -8.47
CA ALA A 90 -0.82 -12.21 -8.29
C ALA A 90 -1.36 -13.36 -7.41
N PHE A 91 -1.98 -13.02 -6.28
CA PHE A 91 -2.51 -14.03 -5.37
C PHE A 91 -3.60 -14.88 -6.04
N SER A 92 -4.52 -14.22 -6.76
CA SER A 92 -5.55 -14.92 -7.51
CA SER A 92 -5.56 -14.91 -7.50
C SER A 92 -4.94 -15.86 -8.54
N THR A 93 -3.82 -15.45 -9.12
CA THR A 93 -3.11 -16.31 -10.08
C THR A 93 -2.58 -17.56 -9.40
N PHE A 94 -1.99 -17.39 -8.22
CA PHE A 94 -1.54 -18.54 -7.43
C PHE A 94 -2.72 -19.47 -7.09
N THR A 95 -3.79 -18.91 -6.55
CA THR A 95 -4.92 -19.75 -6.11
C THR A 95 -5.73 -20.32 -7.27
N ARG A 96 -5.79 -19.60 -8.40
CA ARG A 96 -6.44 -20.15 -9.58
C ARG A 96 -5.75 -21.43 -10.01
N ALA A 97 -4.42 -21.36 -10.10
CA ALA A 97 -3.65 -22.55 -10.46
C ALA A 97 -3.82 -23.65 -9.41
N ALA A 98 -3.78 -23.26 -8.14
CA ALA A 98 -3.90 -24.23 -7.05
C ALA A 98 -5.23 -24.97 -7.08
N LEU A 99 -6.33 -24.23 -7.24
CA LEU A 99 -7.67 -24.81 -7.25
C LEU A 99 -7.81 -25.85 -8.38
N LYS A 100 -7.34 -25.48 -9.57
CA LYS A 100 -7.38 -26.39 -10.72
C LYS A 100 -6.67 -27.72 -10.43
N ALA A 101 -5.50 -27.64 -9.79
CA ALA A 101 -4.69 -28.82 -9.49
C ALA A 101 -5.28 -29.68 -8.38
N TRP A 102 -5.80 -29.03 -7.32
CA TRP A 102 -6.51 -29.76 -6.26
C TRP A 102 -7.65 -30.61 -6.83
N LYS A 103 -8.20 -30.19 -7.98
CA LYS A 103 -9.33 -30.89 -8.57
C LYS A 103 -8.90 -31.93 -9.60
N THR A 104 -7.62 -31.97 -9.95
CA THR A 104 -7.16 -32.78 -11.07
C THR A 104 -5.89 -33.63 -10.86
N ASP A 105 -4.88 -33.08 -10.19
CA ASP A 105 -3.59 -33.78 -10.04
C ASP A 105 -3.81 -35.00 -9.14
N PRO A 106 -3.54 -36.21 -9.66
CA PRO A 106 -3.78 -37.44 -8.90
C PRO A 106 -3.03 -37.48 -7.56
N VAL A 107 -1.90 -36.79 -7.48
CA VAL A 107 -1.15 -36.74 -6.21
C VAL A 107 -1.91 -35.96 -5.12
N PHE A 108 -2.70 -34.97 -5.52
CA PHE A 108 -3.34 -34.04 -4.59
C PHE A 108 -4.87 -34.14 -4.53
N GLN A 109 -5.48 -34.51 -5.66
CA GLN A 109 -6.94 -34.57 -5.77
C GLN A 109 -7.69 -35.31 -4.64
N PRO A 110 -7.19 -36.46 -4.17
CA PRO A 110 -7.98 -37.15 -3.14
C PRO A 110 -8.09 -36.37 -1.80
N TYR A 111 -7.28 -35.33 -1.65
CA TYR A 111 -7.17 -34.63 -0.37
C TYR A 111 -7.87 -33.28 -0.33
N PHE A 112 -8.47 -32.87 -1.46
CA PHE A 112 -9.26 -31.64 -1.50
C PHE A 112 -10.75 -31.96 -1.34
N HIS A 113 -11.41 -31.23 -0.44
CA HIS A 113 -12.84 -31.40 -0.20
C HIS A 113 -13.52 -30.06 -0.40
N GLU A 114 -14.26 -29.95 -1.51
CA GLU A 114 -14.82 -28.66 -1.90
C GLU A 114 -16.16 -28.44 -1.20
N THR A 115 -16.10 -28.17 0.09
CA THR A 115 -17.32 -28.09 0.91
C THR A 115 -17.82 -26.67 1.05
N GLY A 116 -17.05 -25.70 0.56
CA GLY A 116 -17.42 -24.30 0.69
C GLY A 116 -16.76 -23.60 1.87
N PHE A 117 -17.04 -22.31 2.02
CA PHE A 117 -16.31 -21.49 2.97
C PHE A 117 -17.22 -20.35 3.43
N ILE A 118 -17.32 -20.18 4.74
CA ILE A 118 -18.13 -19.10 5.31
C ILE A 118 -17.22 -18.11 6.00
N ILE A 119 -17.29 -16.85 5.56
CA ILE A 119 -16.56 -15.79 6.24
C ILE A 119 -17.56 -14.91 6.99
N SER A 120 -17.24 -14.57 8.24
CA SER A 120 -18.21 -13.91 9.10
C SER A 120 -17.56 -13.04 10.17
N GLY A 121 -18.34 -12.19 10.80
CA GLY A 121 -17.88 -11.35 11.89
C GLY A 121 -19.04 -11.12 12.83
N HIS A 122 -18.76 -10.62 14.03
CA HIS A 122 -19.79 -10.49 15.06
C HIS A 122 -19.96 -9.07 15.64
N THR A 123 -19.32 -8.07 15.02
CA THR A 123 -19.59 -6.67 15.31
C THR A 123 -19.87 -5.95 13.99
N PRO A 124 -20.56 -4.80 14.05
CA PRO A 124 -20.81 -4.00 12.84
C PRO A 124 -19.54 -3.66 12.07
N ALA A 125 -18.47 -3.28 12.77
CA ALA A 125 -17.22 -2.92 12.11
C ALA A 125 -16.58 -4.10 11.37
N LEU A 126 -16.64 -5.29 11.98
CA LEU A 126 -16.05 -6.49 11.34
C LEU A 126 -16.88 -6.89 10.12
N ILE A 127 -18.20 -6.87 10.29
CA ILE A 127 -19.11 -7.21 9.20
C ILE A 127 -18.95 -6.25 8.01
N ASP A 128 -18.80 -4.95 8.30
CA ASP A 128 -18.63 -3.96 7.25
C ASP A 128 -17.29 -4.12 6.51
N HIS A 129 -16.23 -4.37 7.25
CA HIS A 129 -14.93 -4.67 6.66
C HIS A 129 -15.02 -5.86 5.70
N ILE A 130 -15.79 -6.89 6.07
CA ILE A 130 -15.93 -8.06 5.21
C ILE A 130 -16.76 -7.72 3.98
N ARG A 131 -17.85 -7.00 4.18
CA ARG A 131 -18.74 -6.66 3.08
C ARG A 131 -18.00 -5.82 2.06
N LYS A 132 -17.36 -4.76 2.53
CA LYS A 132 -16.72 -3.81 1.62
C LYS A 132 -15.46 -4.35 0.98
N ASP A 133 -14.58 -4.94 1.78
CA ASP A 133 -13.26 -5.34 1.30
C ASP A 133 -13.15 -6.75 0.76
N GLU A 134 -14.07 -7.62 1.14
CA GLU A 134 -14.04 -9.00 0.64
C GLU A 134 -15.19 -9.29 -0.32
N VAL A 135 -16.41 -9.25 0.18
CA VAL A 135 -17.56 -9.70 -0.59
C VAL A 135 -17.80 -8.88 -1.86
N GLU A 136 -17.73 -7.57 -1.74
CA GLU A 136 -18.07 -6.70 -2.86
C GLU A 136 -16.96 -6.57 -3.89
N CYS A 137 -15.79 -7.10 -3.55
CA CYS A 137 -14.66 -7.14 -4.45
C CYS A 137 -14.56 -8.45 -5.25
N SER A 138 -15.36 -9.43 -4.85
CA SER A 138 -15.27 -10.78 -5.39
C SER A 138 -16.33 -11.00 -6.47
N GLU A 139 -16.00 -11.80 -7.48
CA GLU A 139 -16.97 -12.18 -8.51
C GLU A 139 -17.86 -13.32 -8.03
N THR A 140 -17.50 -13.93 -6.91
CA THR A 140 -18.28 -15.00 -6.29
C THR A 140 -19.69 -14.52 -5.97
N ASN A 141 -20.67 -15.39 -6.20
CA ASN A 141 -22.00 -15.14 -5.68
C ASN A 141 -22.14 -15.81 -4.31
N PHE A 142 -22.31 -15.01 -3.27
CA PHE A 142 -22.42 -15.51 -1.92
C PHE A 142 -23.88 -15.69 -1.47
N VAL A 143 -24.10 -16.59 -0.52
CA VAL A 143 -25.37 -16.67 0.21
C VAL A 143 -25.17 -15.86 1.51
N LYS A 144 -26.02 -14.88 1.76
CA LYS A 144 -25.87 -14.03 2.94
C LYS A 144 -26.50 -14.73 4.14
N LEU A 145 -25.77 -14.76 5.25
CA LEU A 145 -26.27 -15.37 6.48
C LEU A 145 -26.54 -14.25 7.47
N GLU A 146 -27.81 -14.05 7.81
CA GLU A 146 -28.28 -12.89 8.59
C GLU A 146 -28.60 -13.27 10.04
N THR A 147 -29.07 -14.50 10.23
CA THR A 147 -29.56 -14.95 11.52
C THR A 147 -28.82 -16.19 11.99
N ALA A 148 -28.95 -16.51 13.27
CA ALA A 148 -28.39 -17.74 13.82
C ALA A 148 -28.92 -18.95 13.07
N GLU A 149 -30.22 -18.93 12.74
CA GLU A 149 -30.82 -20.01 11.99
C GLU A 149 -30.17 -20.17 10.60
N ASP A 150 -29.90 -19.06 9.92
CA ASP A 150 -29.20 -19.09 8.62
C ASP A 150 -27.87 -19.83 8.76
N PHE A 151 -27.10 -19.50 9.79
CA PHE A 151 -25.83 -20.19 10.06
C PHE A 151 -26.01 -21.69 10.28
N ARG A 152 -26.92 -22.06 11.19
CA ARG A 152 -27.11 -23.47 11.54
C ARG A 152 -27.54 -24.33 10.34
N ARG A 153 -28.32 -23.76 9.43
CA ARG A 153 -28.77 -24.47 8.25
C ARG A 153 -27.70 -24.74 7.20
N THR A 154 -26.51 -24.16 7.36
CA THR A 154 -25.43 -24.45 6.42
C THR A 154 -24.81 -25.82 6.70
N MET A 155 -25.16 -26.44 7.83
CA MET A 155 -24.58 -27.74 8.19
C MET A 155 -25.66 -28.71 8.66
N PRO A 156 -25.35 -30.03 8.72
CA PRO A 156 -26.42 -30.97 9.11
C PRO A 156 -26.87 -30.74 10.54
N PRO A 157 -28.11 -31.14 10.87
CA PRO A 157 -28.65 -30.96 12.23
C PRO A 157 -27.74 -31.60 13.27
N GLY A 158 -27.55 -30.93 14.40
CA GLY A 158 -26.70 -31.47 15.46
C GLY A 158 -25.26 -30.96 15.41
N VAL A 159 -24.90 -30.31 14.30
CA VAL A 159 -23.55 -29.80 14.13
C VAL A 159 -23.46 -28.39 14.73
N LEU A 160 -24.09 -27.42 14.09
CA LEU A 160 -24.15 -26.05 14.61
C LEU A 160 -25.39 -25.87 15.50
N THR A 161 -25.17 -25.50 16.76
CA THR A 161 -26.24 -25.46 17.72
C THR A 161 -26.30 -24.13 18.43
N GLY A 162 -25.33 -23.26 18.16
CA GLY A 162 -25.21 -22.00 18.88
C GLY A 162 -26.19 -20.89 18.48
N ASP A 163 -26.10 -19.77 19.19
CA ASP A 163 -26.93 -18.60 18.92
C ASP A 163 -26.24 -17.55 18.05
N PHE A 164 -24.95 -17.73 17.77
CA PHE A 164 -24.22 -16.82 16.88
C PHE A 164 -24.50 -15.33 17.17
N PRO A 165 -24.31 -14.89 18.42
CA PRO A 165 -24.84 -13.56 18.79
C PRO A 165 -24.07 -12.43 18.12
N GLY A 166 -24.78 -11.62 17.34
CA GLY A 166 -24.17 -10.56 16.57
C GLY A 166 -23.52 -10.99 15.26
N TRP A 167 -23.49 -12.29 14.96
CA TRP A 167 -22.79 -12.73 13.74
C TRP A 167 -23.58 -12.43 12.48
N LYS A 168 -22.87 -12.04 11.44
CA LYS A 168 -23.37 -12.03 10.08
C LYS A 168 -22.26 -12.56 9.21
N GLY A 169 -22.61 -13.19 8.09
CA GLY A 169 -21.60 -13.83 7.27
C GLY A 169 -22.03 -14.07 5.84
N TRP A 170 -21.15 -14.73 5.09
CA TRP A 170 -21.36 -14.98 3.67
C TRP A 170 -20.81 -16.36 3.34
N LEU A 171 -21.62 -17.20 2.69
CA LEU A 171 -21.21 -18.55 2.30
C LEU A 171 -20.84 -18.57 0.85
N HIS A 172 -19.66 -19.12 0.60
CA HIS A 172 -19.08 -19.27 -0.73
C HIS A 172 -19.13 -20.77 -0.99
N LYS A 173 -20.01 -21.20 -1.89
CA LYS A 173 -20.29 -22.61 -2.08
C LYS A 173 -19.22 -23.41 -2.83
N SER A 174 -18.66 -22.84 -3.90
CA SER A 174 -17.75 -23.57 -4.79
C SER A 174 -16.39 -22.87 -4.89
N GLY A 175 -15.35 -23.65 -5.18
CA GLY A 175 -14.04 -23.04 -5.33
C GLY A 175 -13.39 -22.83 -3.98
N ALA A 176 -13.97 -23.42 -2.95
CA ALA A 176 -13.43 -23.32 -1.59
C ALA A 176 -13.79 -24.54 -0.77
N GLY A 177 -12.99 -24.80 0.25
CA GLY A 177 -13.24 -25.93 1.13
C GLY A 177 -11.99 -26.20 1.95
N TRP A 178 -11.70 -27.46 2.20
CA TRP A 178 -10.54 -27.80 3.00
C TRP A 178 -9.68 -28.88 2.36
N ILE A 179 -8.42 -28.91 2.78
CA ILE A 179 -7.49 -29.91 2.26
C ILE A 179 -6.89 -30.66 3.43
N HIS A 180 -6.62 -31.94 3.22
CA HIS A 180 -5.88 -32.71 4.21
C HIS A 180 -4.39 -32.45 3.94
N ALA A 181 -3.88 -31.36 4.53
CA ALA A 181 -2.53 -30.89 4.25
C ALA A 181 -1.49 -31.95 4.56
N LYS A 182 -1.62 -32.60 5.71
CA LYS A 182 -0.67 -33.64 6.13
C LYS A 182 -0.59 -34.82 5.12
N LYS A 183 -1.73 -35.40 4.77
CA LYS A 183 -1.71 -36.48 3.77
C LYS A 183 -1.26 -36.04 2.37
N ALA A 184 -1.64 -34.83 1.97
CA ALA A 184 -1.22 -34.35 0.64
C ALA A 184 0.31 -34.15 0.58
N MET A 185 0.89 -33.69 1.68
N MET A 185 0.89 -33.69 1.68
CA MET A 185 2.34 -33.51 1.76
CA MET A 185 2.35 -33.50 1.76
C MET A 185 3.04 -34.87 1.64
C MET A 185 3.07 -34.85 1.69
N ILE A 186 2.54 -35.84 2.40
CA ILE A 186 3.08 -37.20 2.36
C ILE A 186 2.94 -37.79 0.96
N SER A 187 1.80 -37.52 0.33
CA SER A 187 1.58 -37.95 -1.04
C SER A 187 2.61 -37.35 -1.99
N ALA A 188 2.88 -36.05 -1.84
CA ALA A 188 3.89 -35.41 -2.68
C ALA A 188 5.29 -35.97 -2.42
N PHE A 189 5.59 -36.23 -1.16
CA PHE A 189 6.85 -36.84 -0.73
C PHE A 189 7.04 -38.24 -1.36
N ASN A 190 6.01 -39.08 -1.21
CA ASN A 190 6.04 -40.44 -1.75
C ASN A 190 6.28 -40.46 -3.25
N GLU A 191 5.63 -39.53 -3.95
CA GLU A 191 5.74 -39.49 -5.40
C GLU A 191 7.09 -38.92 -5.85
N ALA A 192 7.58 -37.89 -5.15
CA ALA A 192 8.91 -37.35 -5.43
C ALA A 192 9.99 -38.45 -5.30
N LYS A 193 9.87 -39.23 -4.24
CA LYS A 193 10.74 -40.36 -3.99
C LYS A 193 10.62 -41.45 -5.08
N ARG A 194 9.40 -41.81 -5.46
CA ARG A 194 9.19 -42.84 -6.50
C ARG A 194 9.85 -42.40 -7.81
N LEU A 195 9.85 -41.10 -8.03
CA LEU A 195 10.43 -40.51 -9.22
C LEU A 195 11.91 -40.22 -9.07
N GLY A 196 12.52 -40.63 -7.95
CA GLY A 196 13.97 -40.54 -7.83
C GLY A 196 14.58 -39.44 -6.95
N VAL A 197 13.78 -38.60 -6.34
CA VAL A 197 14.33 -37.57 -5.45
C VAL A 197 14.92 -38.21 -4.18
N ARG A 198 16.08 -37.75 -3.75
CA ARG A 198 16.69 -38.28 -2.53
C ARG A 198 16.33 -37.37 -1.34
N PHE A 199 15.90 -37.98 -0.25
CA PHE A 199 15.52 -37.27 0.96
C PHE A 199 16.46 -37.63 2.10
N VAL A 200 17.18 -36.64 2.61
CA VAL A 200 18.01 -36.81 3.79
C VAL A 200 17.30 -36.05 4.93
N THR A 201 16.59 -36.81 5.76
CA THR A 201 15.65 -36.23 6.69
C THR A 201 15.91 -36.82 8.06
N GLY A 202 16.31 -35.98 9.02
CA GLY A 202 16.66 -36.46 10.34
C GLY A 202 17.77 -35.58 10.88
N SER A 203 18.06 -35.70 12.18
CA SER A 203 19.08 -34.86 12.79
C SER A 203 20.17 -35.72 13.39
N PRO A 204 21.44 -35.31 13.22
CA PRO A 204 21.87 -34.04 12.61
C PRO A 204 22.04 -34.05 11.09
N GLU A 205 21.84 -35.21 10.44
CA GLU A 205 22.25 -35.34 9.05
C GLU A 205 21.52 -34.43 8.06
N GLY A 206 20.25 -34.11 8.34
CA GLY A 206 19.50 -33.24 7.45
C GLY A 206 19.23 -31.86 8.07
N ASN A 207 19.79 -31.63 9.25
CA ASN A 207 19.63 -30.35 9.94
C ASN A 207 20.62 -29.32 9.42
N VAL A 208 20.17 -28.46 8.52
CA VAL A 208 21.04 -27.46 7.94
C VAL A 208 21.29 -26.35 8.95
N VAL A 209 22.57 -26.04 9.18
CA VAL A 209 22.93 -24.94 10.10
C VAL A 209 23.49 -23.73 9.35
N SER A 210 23.79 -23.90 8.07
CA SER A 210 24.40 -22.80 7.32
C SER A 210 24.40 -23.06 5.82
N LEU A 211 24.24 -21.99 5.04
CA LEU A 211 24.56 -22.03 3.61
C LEU A 211 26.07 -21.99 3.48
N VAL A 212 26.57 -22.49 2.35
CA VAL A 212 27.99 -22.54 2.10
C VAL A 212 28.33 -21.60 0.95
N TYR A 213 29.28 -20.70 1.20
CA TYR A 213 29.64 -19.68 0.23
C TYR A 213 31.03 -19.91 -0.35
N GLU A 214 31.15 -19.66 -1.66
CA GLU A 214 32.43 -19.62 -2.34
C GLU A 214 32.31 -18.63 -3.50
N ASP A 215 33.24 -17.69 -3.56
CA ASP A 215 33.28 -16.66 -4.60
C ASP A 215 32.07 -15.73 -4.52
N GLY A 216 31.53 -15.60 -3.31
CA GLY A 216 30.36 -14.76 -3.12
C GLY A 216 29.06 -15.35 -3.64
N ASP A 217 29.08 -16.63 -4.00
CA ASP A 217 27.86 -17.34 -4.38
C ASP A 217 27.61 -18.52 -3.45
N VAL A 218 26.37 -19.02 -3.43
CA VAL A 218 26.03 -20.19 -2.62
C VAL A 218 26.29 -21.48 -3.40
N VAL A 219 27.06 -22.37 -2.79
CA VAL A 219 27.43 -23.62 -3.44
C VAL A 219 26.89 -24.85 -2.70
N GLY A 220 26.02 -24.61 -1.72
CA GLY A 220 25.39 -25.72 -1.03
C GLY A 220 25.04 -25.40 0.41
N ALA A 221 25.00 -26.44 1.23
CA ALA A 221 24.51 -26.31 2.58
C ALA A 221 25.35 -27.17 3.48
N ARG A 222 25.52 -26.72 4.71
CA ARG A 222 26.25 -27.46 5.72
C ARG A 222 25.31 -27.93 6.83
N THR A 223 25.36 -29.23 7.15
CA THR A 223 24.49 -29.78 8.20
C THR A 223 25.19 -29.88 9.55
N ALA A 224 24.41 -30.14 10.60
CA ALA A 224 24.86 -30.07 11.97
C ALA A 224 25.88 -31.16 12.32
N ASP A 225 26.03 -32.14 11.43
CA ASP A 225 27.04 -33.19 11.57
C ASP A 225 28.36 -32.76 10.94
N GLY A 226 28.38 -31.57 10.36
CA GLY A 226 29.60 -31.01 9.81
C GLY A 226 29.80 -31.34 8.34
N ARG A 227 28.88 -32.10 7.77
CA ARG A 227 28.97 -32.43 6.36
C ARG A 227 28.54 -31.26 5.48
N VAL A 228 29.28 -31.06 4.40
CA VAL A 228 28.98 -30.05 3.41
C VAL A 228 28.33 -30.74 2.23
N HIS A 229 27.16 -30.24 1.82
CA HIS A 229 26.46 -30.79 0.67
C HIS A 229 26.55 -29.76 -0.44
N LYS A 230 27.22 -30.12 -1.54
CA LYS A 230 27.44 -29.18 -2.63
C LYS A 230 26.41 -29.40 -3.74
N ALA A 231 26.03 -28.31 -4.39
CA ALA A 231 25.09 -28.39 -5.50
C ALA A 231 25.23 -27.16 -6.38
N HIS A 232 24.83 -27.31 -7.64
CA HIS A 232 24.87 -26.20 -8.58
C HIS A 232 23.79 -25.17 -8.27
N ARG A 233 22.72 -25.61 -7.62
CA ARG A 233 21.64 -24.75 -7.21
C ARG A 233 21.14 -25.16 -5.83
N THR A 234 20.86 -24.17 -5.00
CA THR A 234 20.36 -24.40 -3.66
C THR A 234 19.04 -23.66 -3.50
N ILE A 235 18.01 -24.39 -3.09
CA ILE A 235 16.70 -23.80 -2.86
C ILE A 235 16.41 -23.77 -1.36
N LEU A 236 16.18 -22.58 -0.83
CA LEU A 236 15.84 -22.42 0.59
C LEU A 236 14.32 -22.30 0.75
N SER A 237 13.71 -23.38 1.24
CA SER A 237 12.29 -23.42 1.49
C SER A 237 12.06 -24.12 2.83
N ALA A 238 12.64 -23.56 3.88
CA ALA A 238 12.57 -24.15 5.21
C ALA A 238 11.54 -23.46 6.10
N GLY A 239 10.53 -22.85 5.47
CA GLY A 239 9.47 -22.18 6.23
C GLY A 239 9.97 -21.09 7.16
N ALA A 240 9.47 -21.07 8.40
CA ALA A 240 9.87 -20.06 9.35
C ALA A 240 11.35 -20.20 9.72
N GLY A 241 11.84 -21.43 9.74
CA GLY A 241 13.24 -21.70 10.02
C GLY A 241 14.23 -21.11 9.01
N SER A 242 13.75 -20.76 7.82
CA SER A 242 14.60 -20.15 6.80
C SER A 242 15.26 -18.85 7.30
N ASP A 243 14.59 -18.17 8.22
CA ASP A 243 14.98 -16.84 8.69
C ASP A 243 16.31 -16.86 9.45
N SER A 244 16.75 -18.04 9.84
CA SER A 244 18.02 -18.13 10.53
C SER A 244 19.14 -18.70 9.65
N LEU A 245 18.84 -18.96 8.38
CA LEU A 245 19.83 -19.54 7.46
C LEU A 245 20.33 -18.54 6.42
N LEU A 246 19.74 -17.36 6.42
CA LEU A 246 20.08 -16.32 5.47
C LEU A 246 19.64 -15.00 6.07
N ASP A 247 20.41 -13.94 5.84
CA ASP A 247 19.94 -12.62 6.21
C ASP A 247 18.86 -12.16 5.22
N PHE A 248 17.59 -12.25 5.63
CA PHE A 248 16.48 -11.82 4.77
C PHE A 248 16.21 -10.30 4.89
N LYS A 249 17.07 -9.58 5.59
CA LYS A 249 16.92 -8.13 5.70
C LYS A 249 15.52 -7.71 6.17
N LYS A 250 15.02 -8.43 7.19
CA LYS A 250 13.72 -8.15 7.80
C LYS A 250 12.50 -8.53 6.96
N GLN A 251 12.72 -9.15 5.81
CA GLN A 251 11.60 -9.55 4.94
C GLN A 251 10.70 -10.64 5.54
N LEU A 252 11.23 -11.42 6.48
CA LEU A 252 10.43 -12.46 7.15
C LEU A 252 10.20 -12.14 8.62
N ARG A 253 8.96 -12.26 9.07
CA ARG A 253 8.66 -12.25 10.49
C ARG A 253 8.07 -13.60 10.86
N PRO A 254 8.89 -14.46 11.46
CA PRO A 254 8.39 -15.74 11.99
C PRO A 254 7.30 -15.49 13.02
N THR A 255 6.13 -16.07 12.76
CA THR A 255 4.95 -15.77 13.54
C THR A 255 4.14 -17.07 13.73
N ALA A 256 3.56 -17.27 14.91
CA ALA A 256 2.90 -18.53 15.25
C ALA A 256 1.40 -18.41 15.48
N TRP A 257 0.65 -19.38 15.00
CA TRP A 257 -0.78 -19.49 15.36
C TRP A 257 -1.03 -20.76 16.16
N THR A 258 -2.26 -20.88 16.65
CA THR A 258 -2.56 -21.90 17.66
C THR A 258 -3.74 -22.76 17.20
N LEU A 259 -3.64 -24.06 17.45
CA LEU A 259 -4.72 -25.00 17.14
C LEU A 259 -4.90 -25.99 18.28
N CYS A 260 -6.12 -26.52 18.40
CA CYS A 260 -6.38 -27.60 19.34
C CYS A 260 -7.41 -28.54 18.70
N HIS A 261 -7.43 -29.77 19.18
CA HIS A 261 -8.32 -30.82 18.68
C HIS A 261 -9.25 -31.28 19.82
N ILE A 262 -10.51 -31.52 19.47
CA ILE A 262 -11.42 -32.24 20.34
C ILE A 262 -11.75 -33.55 19.65
N GLN A 263 -11.70 -34.62 20.44
CA GLN A 263 -11.99 -35.97 19.98
C GLN A 263 -13.50 -36.25 19.98
N MET A 264 -14.06 -36.52 18.80
CA MET A 264 -15.50 -36.74 18.67
C MET A 264 -15.83 -38.21 18.91
N GLY A 265 -17.02 -38.47 19.43
CA GLY A 265 -17.48 -39.83 19.67
C GLY A 265 -17.88 -40.53 18.39
N PRO A 266 -17.93 -41.86 18.42
CA PRO A 266 -18.11 -42.68 17.20
C PRO A 266 -19.49 -42.51 16.55
N GLU A 267 -20.54 -42.19 17.31
CA GLU A 267 -21.83 -41.91 16.72
C GLU A 267 -22.00 -40.44 16.34
N GLU A 268 -21.62 -39.54 17.24
CA GLU A 268 -21.83 -38.11 17.00
C GLU A 268 -21.07 -37.61 15.76
N VAL A 269 -19.90 -38.19 15.50
CA VAL A 269 -19.05 -37.72 14.41
C VAL A 269 -19.71 -37.85 13.04
N LYS A 270 -20.71 -38.72 12.93
CA LYS A 270 -21.31 -39.05 11.63
C LYS A 270 -22.12 -37.92 11.00
N GLN A 271 -22.65 -37.00 11.82
CA GLN A 271 -23.30 -35.78 11.30
C GLN A 271 -22.29 -34.76 10.77
N TYR A 272 -21.05 -34.84 11.21
CA TYR A 272 -20.06 -33.80 10.93
C TYR A 272 -19.33 -34.11 9.63
N ARG A 273 -20.07 -34.20 8.54
CA ARG A 273 -19.49 -34.59 7.28
C ARG A 273 -19.77 -33.55 6.21
N ASN A 274 -18.78 -33.36 5.34
CA ASN A 274 -18.89 -32.43 4.22
C ASN A 274 -19.28 -31.01 4.64
N LEU A 275 -18.60 -30.51 5.67
CA LEU A 275 -18.91 -29.22 6.26
C LEU A 275 -18.17 -28.08 5.57
N PRO A 276 -18.87 -27.00 5.23
CA PRO A 276 -18.12 -25.81 4.78
C PRO A 276 -17.25 -25.29 5.92
N VAL A 277 -16.16 -24.62 5.59
CA VAL A 277 -15.31 -24.04 6.62
C VAL A 277 -16.08 -22.88 7.21
N LEU A 278 -16.16 -22.84 8.54
CA LEU A 278 -16.80 -21.73 9.23
C LEU A 278 -15.72 -20.83 9.84
N PHE A 279 -15.60 -19.61 9.32
CA PHE A 279 -14.53 -18.71 9.74
C PHE A 279 -15.11 -17.37 10.22
N ASN A 280 -14.83 -17.03 11.48
CA ASN A 280 -15.09 -15.69 12.00
C ASN A 280 -13.74 -14.98 12.11
N ILE A 281 -13.58 -13.91 11.33
CA ILE A 281 -12.27 -13.26 11.18
C ILE A 281 -11.70 -12.68 12.47
N ALA A 282 -12.51 -12.57 13.51
CA ALA A 282 -11.99 -12.13 14.80
C ALA A 282 -12.26 -13.14 15.92
N LYS A 283 -12.57 -14.39 15.57
CA LYS A 283 -12.69 -15.40 16.62
C LYS A 283 -11.98 -16.71 16.31
N GLY A 284 -12.19 -17.22 15.10
CA GLY A 284 -11.55 -18.45 14.72
C GLY A 284 -12.28 -19.25 13.67
N PHE A 285 -11.86 -20.49 13.49
CA PHE A 285 -12.53 -21.39 12.58
C PHE A 285 -12.39 -22.83 13.03
N PHE A 286 -13.21 -23.70 12.46
CA PHE A 286 -13.04 -25.13 12.67
C PHE A 286 -13.28 -25.85 11.36
N MET A 287 -12.72 -27.04 11.26
CA MET A 287 -12.99 -27.90 10.14
C MET A 287 -13.47 -29.27 10.60
N GLU A 288 -14.07 -30.01 9.68
CA GLU A 288 -14.70 -31.27 10.06
C GLU A 288 -13.70 -32.26 10.65
N PRO A 289 -14.18 -33.17 11.49
CA PRO A 289 -13.31 -34.18 12.13
C PRO A 289 -12.58 -35.00 11.09
N ASP A 290 -11.35 -35.39 11.40
CA ASP A 290 -10.55 -36.15 10.45
C ASP A 290 -11.04 -37.59 10.39
N GLU A 291 -10.83 -38.25 9.25
CA GLU A 291 -11.32 -39.61 9.04
C GLU A 291 -10.65 -40.66 9.94
N ASP A 292 -9.42 -40.39 10.38
CA ASP A 292 -8.68 -41.39 11.14
C ASP A 292 -8.90 -41.36 12.64
N LYS A 293 -8.80 -40.17 13.23
CA LYS A 293 -8.90 -40.03 14.67
C LYS A 293 -10.20 -39.37 15.11
N HIS A 294 -11.04 -38.95 14.15
CA HIS A 294 -12.28 -38.23 14.47
C HIS A 294 -12.01 -36.98 15.33
N GLU A 295 -10.89 -36.31 15.09
CA GLU A 295 -10.58 -35.10 15.82
C GLU A 295 -11.05 -33.84 15.09
N LEU A 296 -11.77 -32.99 15.81
CA LEU A 296 -12.24 -31.70 15.31
C LEU A 296 -11.22 -30.59 15.68
N LYS A 297 -10.69 -29.89 14.68
CA LYS A 297 -9.67 -28.86 14.91
C LYS A 297 -10.28 -27.48 15.01
N ILE A 298 -9.88 -26.73 16.03
CA ILE A 298 -10.26 -25.33 16.17
C ILE A 298 -9.02 -24.44 16.21
N CYS A 299 -8.97 -23.44 15.35
CA CYS A 299 -7.97 -22.38 15.46
C CYS A 299 -8.64 -21.13 16.00
N ASP A 300 -8.06 -20.55 17.05
CA ASP A 300 -8.53 -19.26 17.54
C ASP A 300 -7.82 -18.19 16.73
N GLU A 301 -8.58 -17.28 16.13
CA GLU A 301 -7.98 -16.25 15.28
C GLU A 301 -7.43 -15.06 16.08
N HIS A 302 -6.23 -14.63 15.72
CA HIS A 302 -5.57 -13.49 16.36
C HIS A 302 -4.44 -13.06 15.44
N PRO A 303 -3.81 -11.90 15.70
CA PRO A 303 -2.75 -11.45 14.78
C PRO A 303 -1.45 -12.28 14.83
N GLY A 304 -1.32 -13.17 15.82
CA GLY A 304 -0.18 -14.07 15.90
C GLY A 304 0.70 -13.84 17.12
N TYR A 305 1.42 -14.89 17.50
CA TYR A 305 2.45 -14.79 18.52
C TYR A 305 3.83 -14.73 17.86
N CYS A 306 4.64 -13.78 18.28
CA CYS A 306 6.06 -13.83 17.96
C CYS A 306 6.82 -14.34 19.19
N ASN A 307 8.10 -14.65 19.02
CA ASN A 307 8.94 -14.99 20.16
C ASN A 307 10.15 -14.06 20.08
N PHE A 308 9.99 -12.86 20.64
CA PHE A 308 10.95 -11.78 20.43
C PHE A 308 12.20 -11.93 21.30
N LEU A 309 13.33 -12.18 20.63
CA LEU A 309 14.64 -12.30 21.27
C LEU A 309 15.62 -11.31 20.63
N PRO A 310 16.74 -11.01 21.35
CA PRO A 310 17.72 -10.09 20.74
C PRO A 310 18.20 -10.61 19.39
N ASP A 311 18.24 -9.73 18.39
CA ASP A 311 18.82 -10.06 17.11
C ASP A 311 20.33 -10.16 17.25
N PRO A 312 20.90 -11.35 17.03
CA PRO A 312 22.35 -11.54 17.20
C PRO A 312 23.21 -10.65 16.30
N ASN A 313 22.67 -10.20 15.17
CA ASN A 313 23.41 -9.36 14.24
C ASN A 313 22.98 -7.89 14.21
N ARG A 314 21.98 -7.53 15.02
CA ARG A 314 21.50 -6.15 15.08
C ARG A 314 21.36 -5.68 16.53
N PRO A 315 22.44 -5.08 17.08
CA PRO A 315 22.46 -4.58 18.48
C PRO A 315 21.26 -3.68 18.76
N GLY A 316 20.55 -3.94 19.86
CA GLY A 316 19.38 -3.17 20.24
C GLY A 316 18.09 -3.52 19.53
N GLN A 317 18.14 -4.49 18.61
CA GLN A 317 16.94 -4.91 17.88
C GLN A 317 16.43 -6.32 18.25
N GLU A 318 15.18 -6.58 17.91
CA GLU A 318 14.51 -7.84 18.17
C GLU A 318 14.41 -8.69 16.91
N LYS A 319 14.31 -10.00 17.10
CA LYS A 319 14.07 -10.93 16.00
C LYS A 319 13.24 -12.09 16.56
N SER A 320 12.14 -12.42 15.90
CA SER A 320 11.26 -13.50 16.37
C SER A 320 11.83 -14.86 15.98
N VAL A 321 11.98 -15.72 16.98
CA VAL A 321 12.63 -17.02 16.77
C VAL A 321 11.68 -18.14 17.16
N PRO A 322 11.36 -19.04 16.22
CA PRO A 322 10.42 -20.15 16.48
C PRO A 322 10.94 -21.15 17.52
N PHE A 323 10.02 -21.83 18.19
CA PHE A 323 10.31 -23.02 18.97
C PHE A 323 9.08 -23.92 18.85
N ALA A 324 9.27 -25.22 19.05
CA ALA A 324 8.21 -26.22 18.92
C ALA A 324 7.55 -26.52 20.24
N LYS A 325 6.23 -26.61 20.24
CA LYS A 325 5.52 -27.05 21.45
C LYS A 325 4.20 -27.69 21.09
N HIS A 326 4.00 -28.89 21.61
CA HIS A 326 2.69 -29.54 21.51
C HIS A 326 1.77 -29.15 22.67
N GLN A 327 1.76 -27.86 23.00
CA GLN A 327 0.71 -27.28 23.85
C GLN A 327 0.38 -25.92 23.25
N ILE A 328 -0.68 -25.27 23.74
CA ILE A 328 -0.94 -23.88 23.39
C ILE A 328 -1.13 -23.07 24.68
N PRO A 329 -0.95 -21.74 24.61
CA PRO A 329 -1.25 -20.97 25.82
C PRO A 329 -2.71 -21.15 26.24
N LEU A 330 -2.92 -21.12 27.54
CA LEU A 330 -4.26 -21.23 28.10
C LEU A 330 -5.21 -20.16 27.57
N GLU A 331 -4.68 -18.98 27.28
CA GLU A 331 -5.49 -17.89 26.75
C GLU A 331 -5.98 -18.23 25.34
N ALA A 332 -5.18 -19.02 24.59
CA ALA A 332 -5.57 -19.45 23.25
C ALA A 332 -6.69 -20.49 23.32
N GLU A 333 -6.53 -21.48 24.20
CA GLU A 333 -7.58 -22.46 24.48
C GLU A 333 -8.91 -21.78 24.81
N ALA A 334 -8.84 -20.74 25.64
CA ALA A 334 -10.05 -20.01 26.05
C ALA A 334 -10.69 -19.29 24.87
N ARG A 335 -9.89 -18.75 23.96
CA ARG A 335 -10.46 -18.14 22.77
C ARG A 335 -11.12 -19.21 21.90
N ALA A 336 -10.51 -20.38 21.83
CA ALA A 336 -11.06 -21.48 21.04
C ALA A 336 -12.42 -21.90 21.62
N ARG A 337 -12.50 -21.99 22.95
CA ARG A 337 -13.78 -22.34 23.59
C ARG A 337 -14.83 -21.22 23.45
N ASP A 338 -14.39 -19.97 23.37
CA ASP A 338 -15.31 -18.86 23.16
C ASP A 338 -15.96 -18.99 21.78
N PHE A 339 -15.15 -19.30 20.76
CA PHE A 339 -15.65 -19.62 19.42
C PHE A 339 -16.68 -20.76 19.49
N LEU A 340 -16.35 -21.81 20.19
CA LEU A 340 -17.27 -22.95 20.34
C LEU A 340 -18.57 -22.54 21.02
N HIS A 341 -18.52 -21.70 22.06
CA HIS A 341 -19.75 -21.35 22.73
CA HIS A 341 -19.71 -21.26 22.76
C HIS A 341 -20.72 -20.60 21.80
N ASP A 342 -20.19 -19.81 20.86
CA ASP A 342 -21.05 -19.09 19.93
C ASP A 342 -21.69 -20.01 18.87
N THR A 343 -21.00 -21.09 18.53
CA THR A 343 -21.32 -21.87 17.33
C THR A 343 -21.82 -23.28 17.64
N MET A 344 -21.08 -23.96 18.52
CA MET A 344 -21.33 -25.34 18.95
C MET A 344 -21.18 -25.49 20.46
N PRO A 345 -22.04 -24.81 21.24
CA PRO A 345 -21.86 -24.80 22.71
C PRO A 345 -21.88 -26.20 23.31
N HIS A 346 -22.49 -27.17 22.65
CA HIS A 346 -22.48 -28.53 23.17
C HIS A 346 -21.07 -29.14 23.24
N LEU A 347 -20.12 -28.56 22.50
CA LEU A 347 -18.73 -29.00 22.52
C LEU A 347 -17.81 -28.08 23.34
N ALA A 348 -18.30 -26.91 23.75
CA ALA A 348 -17.44 -25.85 24.33
C ALA A 348 -16.65 -26.26 25.57
N ASP A 349 -17.15 -27.24 26.32
CA ASP A 349 -16.44 -27.70 27.52
C ASP A 349 -15.73 -29.04 27.35
N ARG A 350 -15.66 -29.56 26.13
CA ARG A 350 -15.00 -30.86 25.93
C ARG A 350 -13.50 -30.75 26.11
N PRO A 351 -12.88 -31.78 26.71
CA PRO A 351 -11.42 -31.78 26.86
C PRO A 351 -10.67 -31.78 25.52
N LEU A 352 -9.51 -31.15 25.48
CA LEU A 352 -8.67 -31.17 24.29
C LEU A 352 -7.92 -32.49 24.24
N SER A 353 -7.89 -33.12 23.07
CA SER A 353 -7.08 -34.32 22.88
C SER A 353 -5.67 -34.02 22.34
N PHE A 354 -5.48 -32.81 21.80
CA PHE A 354 -4.21 -32.40 21.18
C PHE A 354 -4.20 -30.87 20.99
N ALA A 355 -3.02 -30.26 21.03
CA ALA A 355 -2.87 -28.85 20.69
C ALA A 355 -1.42 -28.55 20.33
N ARG A 356 -1.19 -27.54 19.50
CA ARG A 356 0.19 -27.15 19.25
C ARG A 356 0.25 -25.74 18.70
N ILE A 357 1.41 -25.12 18.80
CA ILE A 357 1.69 -23.91 18.10
C ILE A 357 2.28 -24.28 16.74
N CYS A 358 2.15 -23.37 15.80
CA CYS A 358 2.40 -23.68 14.41
C CYS A 358 2.98 -22.43 13.80
N TRP A 359 4.16 -22.54 13.20
CA TRP A 359 4.92 -21.38 12.72
C TRP A 359 4.91 -21.20 11.21
N ASP A 360 4.73 -19.95 10.78
CA ASP A 360 4.86 -19.57 9.38
C ASP A 360 5.69 -18.28 9.40
N ALA A 361 5.87 -17.63 8.25
CA ALA A 361 6.54 -16.32 8.25
C ALA A 361 5.84 -15.36 7.32
N ASP A 362 5.57 -14.17 7.84
CA ASP A 362 4.95 -13.06 7.09
C ASP A 362 6.01 -12.16 6.43
N THR A 363 5.81 -11.89 5.15
CA THR A 363 6.52 -10.81 4.48
C THR A 363 5.83 -9.48 4.81
N PRO A 364 6.45 -8.34 4.44
CA PRO A 364 5.79 -7.09 4.83
C PRO A 364 4.42 -6.87 4.21
N ASP A 365 4.17 -7.38 2.99
CA ASP A 365 2.86 -7.23 2.39
C ASP A 365 2.09 -8.55 2.35
N ARG A 366 2.61 -9.57 3.03
CA ARG A 366 2.01 -10.92 3.03
C ARG A 366 1.84 -11.54 1.65
N ALA A 367 2.61 -11.06 0.66
CA ALA A 367 2.79 -11.76 -0.60
C ALA A 367 3.99 -12.70 -0.44
N PHE A 368 4.06 -13.73 -1.27
CA PHE A 368 5.14 -14.71 -1.17
C PHE A 368 6.49 -14.09 -1.49
N LEU A 369 7.56 -14.79 -1.13
CA LEU A 369 8.89 -14.39 -1.54
C LEU A 369 9.59 -15.56 -2.23
N ILE A 370 9.66 -15.48 -3.57
CA ILE A 370 10.19 -16.53 -4.41
C ILE A 370 11.02 -15.87 -5.50
N ASP A 371 12.34 -15.96 -5.41
CA ASP A 371 13.22 -15.22 -6.30
C ASP A 371 14.63 -15.74 -6.12
N ARG A 372 15.46 -15.56 -7.14
CA ARG A 372 16.88 -15.83 -7.00
CA ARG A 372 16.88 -15.83 -6.96
C ARG A 372 17.50 -14.68 -6.18
N HIS A 373 18.54 -14.97 -5.41
CA HIS A 373 19.16 -13.95 -4.58
C HIS A 373 20.06 -13.08 -5.48
N PRO A 374 19.81 -11.77 -5.52
CA PRO A 374 20.54 -10.83 -6.38
C PRO A 374 22.06 -10.81 -6.17
N GLU A 375 22.54 -11.28 -5.02
CA GLU A 375 23.97 -11.26 -4.76
C GLU A 375 24.55 -12.66 -4.82
N HIS A 376 23.68 -13.67 -4.83
CA HIS A 376 24.10 -15.06 -4.90
C HIS A 376 23.20 -15.84 -5.88
N PRO A 377 23.49 -15.74 -7.18
CA PRO A 377 22.59 -16.25 -8.25
C PRO A 377 22.24 -17.75 -8.18
N SER A 378 23.10 -18.58 -7.58
CA SER A 378 22.79 -19.99 -7.46
C SER A 378 21.82 -20.29 -6.30
N LEU A 379 21.45 -19.26 -5.53
CA LEU A 379 20.47 -19.42 -4.45
C LEU A 379 19.10 -18.95 -4.88
N LEU A 380 18.12 -19.83 -4.72
CA LEU A 380 16.72 -19.46 -4.92
C LEU A 380 16.04 -19.48 -3.54
N VAL A 381 15.37 -18.40 -3.14
CA VAL A 381 14.58 -18.44 -1.92
C VAL A 381 13.11 -18.72 -2.28
N ALA A 382 12.43 -19.51 -1.44
CA ALA A 382 11.00 -19.79 -1.64
C ALA A 382 10.39 -19.83 -0.26
N VAL A 383 9.96 -18.67 0.21
CA VAL A 383 9.59 -18.47 1.61
C VAL A 383 8.44 -17.50 1.70
N GLY A 384 8.02 -17.19 2.93
CA GLY A 384 7.03 -16.17 3.16
C GLY A 384 5.60 -16.59 2.88
N GLY A 385 5.25 -17.81 3.28
CA GLY A 385 3.88 -18.30 3.14
C GLY A 385 2.81 -17.35 3.68
N SER A 386 3.18 -16.58 4.71
CA SER A 386 2.31 -15.49 5.20
C SER A 386 0.87 -15.90 5.53
N GLY A 387 0.68 -17.11 6.05
CA GLY A 387 -0.64 -17.53 6.48
C GLY A 387 -1.46 -18.14 5.36
N ASN A 388 -0.90 -18.19 4.15
CA ASN A 388 -1.64 -18.63 2.99
C ASN A 388 -0.90 -19.62 2.09
N GLY A 389 0.10 -20.30 2.63
CA GLY A 389 0.97 -21.11 1.79
C GLY A 389 0.54 -22.56 1.61
N ALA A 390 -0.27 -23.10 2.52
CA ALA A 390 -0.62 -24.52 2.47
C ALA A 390 -1.52 -24.86 1.27
N MET A 391 -2.51 -24.00 1.00
CA MET A 391 -3.43 -24.25 -0.10
C MET A 391 -2.71 -24.19 -1.45
N GLN A 392 -1.48 -23.67 -1.46
CA GLN A 392 -0.68 -23.56 -2.70
C GLN A 392 0.07 -24.85 -3.00
N MET A 393 0.01 -25.84 -2.10
CA MET A 393 0.85 -27.03 -2.19
C MET A 393 0.95 -27.74 -3.57
N PRO A 394 -0.17 -27.89 -4.30
CA PRO A 394 -0.05 -28.66 -5.55
C PRO A 394 0.81 -27.97 -6.63
N THR A 395 0.81 -26.64 -6.64
CA THR A 395 1.32 -25.86 -7.77
C THR A 395 2.50 -24.97 -7.41
N ILE A 396 2.68 -24.72 -6.11
CA ILE A 396 3.73 -23.82 -5.66
C ILE A 396 5.13 -24.28 -6.13
N GLY A 397 5.36 -25.60 -6.13
CA GLY A 397 6.62 -26.13 -6.64
C GLY A 397 6.82 -25.88 -8.14
N GLY A 398 5.72 -25.64 -8.85
CA GLY A 398 5.79 -25.30 -10.26
C GLY A 398 6.25 -23.87 -10.46
N PHE A 399 5.70 -22.95 -9.67
CA PHE A 399 6.16 -21.57 -9.71
C PHE A 399 7.63 -21.50 -9.27
N ILE A 400 7.96 -22.26 -8.22
CA ILE A 400 9.31 -22.27 -7.69
C ILE A 400 10.31 -22.80 -8.72
N ALA A 401 9.98 -23.93 -9.35
CA ALA A 401 10.77 -24.46 -10.47
C ALA A 401 10.88 -23.45 -11.62
N ASP A 402 9.79 -22.75 -11.95
CA ASP A 402 9.85 -21.72 -12.98
C ASP A 402 10.85 -20.64 -12.62
N ALA A 403 10.82 -20.20 -11.36
CA ALA A 403 11.78 -19.20 -10.88
C ALA A 403 13.23 -19.69 -11.02
N LEU A 404 13.46 -20.95 -10.69
CA LEU A 404 14.78 -21.55 -10.83
C LEU A 404 15.22 -21.50 -12.29
N GLU A 405 14.26 -21.68 -13.20
CA GLU A 405 14.55 -21.70 -14.63
C GLU A 405 14.39 -20.33 -15.28
N SER A 406 14.37 -19.27 -14.46
CA SER A 406 14.27 -17.90 -14.95
C SER A 406 13.06 -17.62 -15.86
N LYS A 407 11.93 -18.27 -15.56
CA LYS A 407 10.72 -18.01 -16.33
C LYS A 407 9.46 -17.93 -15.45
N LEU A 408 9.62 -17.42 -14.23
CA LEU A 408 8.47 -17.19 -13.36
C LEU A 408 7.56 -16.20 -14.11
N GLN A 409 6.27 -16.50 -14.21
CA GLN A 409 5.41 -15.70 -15.10
C GLN A 409 5.19 -14.25 -14.64
N LYS A 410 4.88 -13.39 -15.60
CA LYS A 410 4.85 -11.95 -15.35
C LYS A 410 3.78 -11.51 -14.33
N GLU A 411 2.69 -12.27 -14.24
CA GLU A 411 1.60 -11.92 -13.34
C GLU A 411 2.02 -11.99 -11.86
N VAL A 412 3.10 -12.72 -11.57
CA VAL A 412 3.51 -12.88 -10.17
C VAL A 412 4.96 -12.50 -9.84
N LYS A 413 5.85 -12.59 -10.82
CA LYS A 413 7.29 -12.50 -10.56
C LYS A 413 7.74 -11.21 -9.86
N ASP A 414 7.06 -10.10 -10.15
CA ASP A 414 7.43 -8.81 -9.55
C ASP A 414 6.78 -8.61 -8.18
N ILE A 415 5.68 -9.31 -7.95
CA ILE A 415 5.04 -9.27 -6.63
C ILE A 415 5.82 -10.10 -5.60
N VAL A 416 6.45 -11.19 -6.04
CA VAL A 416 7.11 -12.12 -5.10
C VAL A 416 8.64 -11.99 -5.10
N ARG A 417 9.15 -10.97 -5.76
CA ARG A 417 10.60 -10.76 -5.84
C ARG A 417 11.24 -10.38 -4.49
N TRP A 418 12.54 -10.62 -4.41
CA TRP A 418 13.40 -10.11 -3.36
C TRP A 418 13.19 -8.60 -3.28
N ARG A 419 12.80 -8.12 -2.11
CA ARG A 419 12.40 -6.73 -1.95
C ARG A 419 12.71 -6.18 -0.55
N PRO A 420 13.99 -6.22 -0.13
CA PRO A 420 14.38 -5.75 1.22
C PRO A 420 14.00 -4.29 1.50
N GLU A 421 13.86 -3.47 0.46
CA GLU A 421 13.52 -2.06 0.63
C GLU A 421 12.14 -1.89 1.25
N THR A 422 11.31 -2.92 1.18
CA THR A 422 9.97 -2.84 1.76
C THR A 422 9.99 -3.16 3.27
N ALA A 423 11.14 -3.61 3.77
CA ALA A 423 11.26 -4.05 5.17
C ALA A 423 12.18 -3.18 6.05
N VAL A 424 12.66 -2.05 5.52
CA VAL A 424 13.53 -1.17 6.29
C VAL A 424 12.71 -0.63 7.45
N ASP A 425 13.29 -0.68 8.66
CA ASP A 425 12.60 -0.25 9.88
C ASP A 425 11.24 -0.94 10.07
N ARG A 426 11.16 -2.20 9.67
CA ARG A 426 9.92 -2.95 9.80
C ARG A 426 9.44 -2.95 11.25
N ASP A 427 8.15 -2.66 11.43
CA ASP A 427 7.49 -2.76 12.71
C ASP A 427 6.96 -4.19 12.93
N TRP A 428 7.63 -4.96 13.80
CA TRP A 428 7.26 -6.36 14.03
C TRP A 428 5.89 -6.53 14.65
N ARG A 429 5.35 -5.46 15.21
CA ARG A 429 4.09 -5.56 15.95
C ARG A 429 2.89 -5.10 15.12
N ALA A 430 3.13 -4.82 13.85
CA ALA A 430 2.03 -4.56 12.89
C ALA A 430 1.13 -5.80 12.84
N THR A 431 -0.19 -5.59 12.91
CA THR A 431 -1.14 -6.70 12.92
C THR A 431 -1.45 -7.28 11.52
N GLN A 432 -1.05 -6.53 10.49
CA GLN A 432 -1.04 -7.02 9.11
C GLN A 432 -2.36 -7.66 8.64
N ASN A 433 -3.45 -6.92 8.84
CA ASN A 433 -4.78 -7.29 8.37
C ASN A 433 -5.33 -8.54 9.06
N ARG A 434 -4.84 -8.82 10.26
CA ARG A 434 -5.44 -9.87 11.09
C ARG A 434 -6.17 -9.27 12.30
N PHE A 435 -7.15 -10.01 12.81
CA PHE A 435 -7.99 -9.58 13.93
C PHE A 435 -8.19 -10.68 14.96
N GLY A 436 -8.75 -10.33 16.11
CA GLY A 436 -9.04 -11.29 17.14
C GLY A 436 -8.13 -11.23 18.35
N GLY A 437 -8.57 -11.87 19.44
CA GLY A 437 -7.82 -11.89 20.67
C GLY A 437 -7.62 -10.46 21.15
N PRO A 438 -6.39 -10.11 21.56
CA PRO A 438 -6.11 -8.74 22.00
C PRO A 438 -5.97 -7.75 20.85
N ASP A 439 -6.19 -8.19 19.60
CA ASP A 439 -5.96 -7.31 18.46
C ASP A 439 -4.57 -6.68 18.44
N ARG A 440 -3.58 -7.42 18.92
CA ARG A 440 -2.20 -6.98 18.82
C ARG A 440 -1.34 -8.23 18.64
N ILE A 441 -0.14 -8.05 18.12
CA ILE A 441 0.84 -9.11 18.08
C ILE A 441 1.23 -9.48 19.50
N MET A 442 1.19 -10.77 19.83
CA MET A 442 1.56 -11.24 21.17
C MET A 442 3.00 -11.80 21.19
N ASP A 443 3.56 -12.00 22.37
CA ASP A 443 4.96 -12.43 22.51
C ASP A 443 5.06 -13.62 23.44
N PHE A 444 5.57 -14.75 22.95
CA PHE A 444 5.72 -15.93 23.80
C PHE A 444 6.60 -15.67 25.01
N GLN A 445 7.56 -14.75 24.89
CA GLN A 445 8.38 -14.37 26.02
C GLN A 445 7.54 -13.82 27.20
N GLN A 446 6.33 -13.34 26.92
CA GLN A 446 5.44 -12.83 27.97
C GLN A 446 4.41 -13.86 28.43
N VAL A 447 4.55 -15.11 27.98
CA VAL A 447 3.65 -16.18 28.42
C VAL A 447 4.31 -17.00 29.52
N GLY A 448 3.67 -17.06 30.68
CA GLY A 448 4.20 -17.78 31.83
C GLY A 448 4.36 -19.25 31.53
N GLU A 449 5.40 -19.86 32.12
CA GLU A 449 5.70 -21.26 31.87
C GLU A 449 4.58 -22.19 32.32
N ASP A 450 3.83 -21.78 33.34
CA ASP A 450 2.70 -22.60 33.80
C ASP A 450 1.39 -22.14 33.15
N GLN A 451 1.49 -21.32 32.12
CA GLN A 451 0.32 -20.74 31.45
CA GLN A 451 0.29 -20.78 31.48
C GLN A 451 -0.01 -21.42 30.12
N TRP A 452 0.32 -22.71 30.00
CA TRP A 452 0.06 -23.50 28.78
C TRP A 452 -0.90 -24.64 29.07
N THR A 453 -1.54 -25.18 28.03
CA THR A 453 -2.29 -26.42 28.19
C THR A 453 -1.35 -27.53 28.68
N LYS A 454 -1.93 -28.56 29.28
CA LYS A 454 -1.17 -29.61 29.92
C LYS A 454 -1.72 -30.96 29.48
N ILE A 455 -2.09 -31.01 28.21
CA ILE A 455 -2.55 -32.25 27.59
C ILE A 455 -1.50 -33.36 27.72
N GLY A 456 -1.90 -34.49 28.27
CA GLY A 456 -1.04 -35.66 28.37
C GLY A 456 -0.14 -35.64 29.60
N GLU A 457 -0.27 -34.62 30.42
CA GLU A 457 0.53 -34.51 31.63
C GLU A 457 -0.26 -35.03 32.82
N SER A 458 0.39 -35.12 33.97
CA SER A 458 -0.26 -35.60 35.19
C SER A 458 -1.51 -34.79 35.55
N ALA B 18 -27.04 4.67 6.32
CA ALA B 18 -27.30 5.95 6.98
C ALA B 18 -27.40 7.14 6.01
N PRO B 19 -26.41 7.34 5.11
CA PRO B 19 -26.56 8.47 4.19
C PRO B 19 -27.72 8.23 3.21
N SER B 20 -28.32 9.29 2.69
CA SER B 20 -29.34 9.17 1.67
C SER B 20 -28.79 8.40 0.46
N ILE B 21 -29.69 7.81 -0.34
CA ILE B 21 -29.28 7.07 -1.53
C ILE B 21 -28.80 8.05 -2.60
N LEU B 22 -27.58 7.83 -3.10
CA LEU B 22 -27.00 8.73 -4.10
C LEU B 22 -27.61 8.52 -5.49
N SER B 23 -28.04 9.61 -6.11
CA SER B 23 -28.47 9.54 -7.50
C SER B 23 -28.04 10.84 -8.18
N THR B 24 -28.20 10.89 -9.50
CA THR B 24 -27.92 12.10 -10.26
C THR B 24 -28.89 13.26 -9.90
N GLU B 25 -29.93 12.96 -9.14
CA GLU B 25 -30.84 14.02 -8.65
C GLU B 25 -30.48 14.50 -7.24
N SER B 26 -29.50 13.85 -6.60
CA SER B 26 -29.08 14.28 -5.26
C SER B 26 -28.44 15.67 -5.29
N SER B 27 -28.78 16.52 -4.33
CA SER B 27 -28.10 17.80 -4.22
C SER B 27 -26.69 17.59 -3.65
N ILE B 28 -25.71 18.19 -4.30
CA ILE B 28 -24.32 18.08 -3.88
C ILE B 28 -23.74 19.49 -3.70
N ILE B 29 -23.01 19.68 -2.62
CA ILE B 29 -22.29 20.91 -2.38
C ILE B 29 -20.79 20.64 -2.49
N VAL B 30 -20.09 21.50 -3.23
CA VAL B 30 -18.64 21.47 -3.29
C VAL B 30 -18.13 22.72 -2.55
N ILE B 31 -17.34 22.52 -1.50
CA ILE B 31 -16.73 23.63 -0.77
C ILE B 31 -15.31 23.89 -1.29
N GLY B 32 -15.16 24.99 -2.04
CA GLY B 32 -13.88 25.35 -2.65
C GLY B 32 -13.93 25.24 -4.17
N ALA B 33 -13.83 26.38 -4.85
CA ALA B 33 -13.79 26.40 -6.31
C ALA B 33 -12.36 26.61 -6.81
N GLY B 34 -11.44 25.81 -6.28
CA GLY B 34 -10.04 25.93 -6.67
C GLY B 34 -9.69 24.86 -7.68
N THR B 35 -8.46 24.36 -7.61
CA THR B 35 -7.95 23.41 -8.59
C THR B 35 -8.84 22.17 -8.64
N TRP B 36 -9.01 21.56 -7.47
CA TRP B 36 -9.74 20.31 -7.36
C TRP B 36 -11.25 20.48 -7.35
N GLY B 37 -11.73 21.59 -6.76
CA GLY B 37 -13.17 21.87 -6.72
C GLY B 37 -13.77 22.10 -8.10
N CYS B 38 -13.09 22.87 -8.94
CA CYS B 38 -13.57 23.12 -10.29
C CYS B 38 -13.53 21.83 -11.11
N SER B 39 -12.46 21.06 -10.96
CA SER B 39 -12.38 19.75 -11.62
C SER B 39 -13.52 18.82 -11.15
N THR B 40 -13.75 18.76 -9.85
CA THR B 40 -14.83 17.92 -9.33
C THR B 40 -16.19 18.33 -9.88
N ALA B 41 -16.46 19.64 -9.91
CA ALA B 41 -17.72 20.17 -10.42
C ALA B 41 -17.92 19.76 -11.89
N LEU B 42 -16.86 19.90 -12.69
CA LEU B 42 -16.89 19.51 -14.08
C LEU B 42 -17.19 18.01 -14.26
N HIS B 43 -16.49 17.16 -13.54
CA HIS B 43 -16.72 15.73 -13.64
C HIS B 43 -18.11 15.29 -13.18
N LEU B 44 -18.67 15.94 -12.15
CA LEU B 44 -20.01 15.60 -11.68
C LEU B 44 -21.06 15.93 -12.74
N ALA B 45 -20.94 17.12 -13.31
CA ALA B 45 -21.83 17.54 -14.38
C ALA B 45 -21.74 16.58 -15.59
N ARG B 46 -20.52 16.16 -15.92
CA ARG B 46 -20.31 15.24 -17.03
C ARG B 46 -20.92 13.85 -16.77
N ARG B 47 -21.06 13.49 -15.50
CA ARG B 47 -21.69 12.23 -15.11
C ARG B 47 -23.20 12.36 -14.92
N GLY B 48 -23.76 13.51 -15.28
CA GLY B 48 -25.20 13.71 -15.26
C GLY B 48 -25.77 14.21 -13.95
N TYR B 49 -24.91 14.59 -12.99
CA TYR B 49 -25.41 15.16 -11.72
C TYR B 49 -26.01 16.55 -11.95
N LYS B 50 -27.31 16.68 -11.71
CA LYS B 50 -28.04 17.88 -12.10
C LYS B 50 -28.08 18.99 -11.06
N ASP B 51 -27.69 18.71 -9.82
CA ASP B 51 -27.84 19.72 -8.76
C ASP B 51 -26.51 19.86 -8.01
N VAL B 52 -25.60 20.60 -8.62
CA VAL B 52 -24.29 20.82 -8.00
C VAL B 52 -24.05 22.31 -7.77
N THR B 53 -23.70 22.64 -6.53
CA THR B 53 -23.46 24.02 -6.10
C THR B 53 -22.07 24.10 -5.48
N VAL B 54 -21.25 25.03 -5.99
CA VAL B 54 -19.88 25.19 -5.53
C VAL B 54 -19.78 26.53 -4.79
N LEU B 55 -19.21 26.49 -3.59
CA LEU B 55 -19.09 27.67 -2.70
C LEU B 55 -17.62 28.05 -2.52
N ASP B 56 -17.33 29.33 -2.64
CA ASP B 56 -15.96 29.84 -2.46
C ASP B 56 -16.06 31.32 -2.04
N PRO B 57 -15.23 31.76 -1.07
CA PRO B 57 -15.29 33.17 -0.65
C PRO B 57 -14.80 34.11 -1.72
N HIS B 58 -14.12 33.59 -2.74
CA HIS B 58 -13.53 34.42 -3.79
C HIS B 58 -14.04 34.01 -5.17
N PRO B 59 -14.15 34.99 -6.08
CA PRO B 59 -14.43 34.62 -7.47
C PRO B 59 -13.26 33.83 -8.08
N VAL B 60 -13.56 33.00 -9.08
CA VAL B 60 -12.55 32.25 -9.80
C VAL B 60 -11.83 33.21 -10.76
N PRO B 61 -10.48 33.14 -10.83
CA PRO B 61 -9.57 32.33 -10.02
C PRO B 61 -9.27 32.98 -8.65
N SER B 62 -9.37 32.19 -7.59
CA SER B 62 -9.20 32.73 -6.25
C SER B 62 -7.77 33.21 -5.98
N PRO B 63 -7.61 34.38 -5.34
CA PRO B 63 -6.29 34.95 -4.99
C PRO B 63 -5.51 34.03 -4.05
N ILE B 64 -6.21 33.19 -3.30
CA ILE B 64 -5.55 32.28 -2.37
C ILE B 64 -5.47 30.82 -2.85
N ALA B 65 -6.00 30.53 -4.04
CA ALA B 65 -5.88 29.18 -4.61
C ALA B 65 -4.44 28.92 -5.02
N ALA B 66 -3.87 27.80 -4.56
CA ALA B 66 -2.53 27.41 -5.02
C ALA B 66 -2.56 27.19 -6.53
N GLY B 67 -3.71 26.79 -7.05
CA GLY B 67 -3.86 26.62 -8.49
C GLY B 67 -3.91 27.92 -9.29
N ASN B 68 -4.11 29.06 -8.63
CA ASN B 68 -4.12 30.34 -9.35
C ASN B 68 -2.67 30.79 -9.61
N ASP B 69 -2.06 30.23 -10.65
CA ASP B 69 -0.65 30.48 -10.93
C ASP B 69 -0.52 30.47 -12.45
N ILE B 70 0.29 31.38 -13.00
CA ILE B 70 0.50 31.41 -14.46
C ILE B 70 1.12 30.12 -15.02
N ASN B 71 1.74 29.32 -14.16
CA ASN B 71 2.29 28.03 -14.59
C ASN B 71 2.54 27.06 -13.43
N LYS B 72 2.51 25.77 -13.74
CA LYS B 72 2.82 24.70 -12.79
C LYS B 72 3.48 23.62 -13.60
N ILE B 73 4.25 22.76 -12.93
CA ILE B 73 4.91 21.61 -13.56
C ILE B 73 3.92 20.44 -13.72
N MET B 74 3.96 19.83 -14.90
CA MET B 74 3.22 18.59 -15.18
C MET B 74 4.25 17.54 -15.57
N GLU B 75 4.23 16.39 -14.90
CA GLU B 75 5.08 15.26 -15.28
C GLU B 75 4.36 13.93 -15.11
N HIS B 76 4.50 13.05 -16.09
CA HIS B 76 4.04 11.68 -15.92
C HIS B 76 5.16 10.66 -16.17
N SER B 77 5.42 9.83 -15.15
CA SER B 77 6.37 8.73 -15.27
C SER B 77 5.71 7.41 -14.85
N GLU B 78 5.90 6.39 -15.67
CA GLU B 78 5.45 5.06 -15.29
C GLU B 78 6.44 4.37 -14.36
N LEU B 79 5.94 3.89 -13.23
CA LEU B 79 6.73 3.12 -12.29
C LEU B 79 7.14 1.77 -12.93
N LYS B 80 8.42 1.44 -12.86
CA LYS B 80 8.97 0.24 -13.49
C LYS B 80 8.45 -1.05 -12.83
N ASP B 81 8.19 -2.08 -13.65
CA ASP B 81 7.93 -3.41 -13.11
C ASP B 81 9.18 -3.90 -12.39
N GLY B 82 9.03 -4.28 -11.12
CA GLY B 82 10.18 -4.69 -10.34
C GLY B 82 10.56 -3.63 -9.34
N CYS B 83 9.71 -2.63 -9.19
CA CYS B 83 9.86 -1.63 -8.15
C CYS B 83 8.61 -1.60 -7.26
N SER B 84 8.81 -1.96 -6.00
CA SER B 84 7.72 -2.02 -5.03
C SER B 84 7.53 -0.66 -4.38
N ASP B 85 6.45 0.00 -4.75
CA ASP B 85 6.09 1.28 -4.14
C ASP B 85 4.62 1.55 -4.44
N PRO B 86 3.71 1.05 -3.57
CA PRO B 86 2.27 1.24 -3.76
C PRO B 86 1.89 2.71 -3.90
N ARG B 87 2.54 3.59 -3.12
CA ARG B 87 2.26 5.02 -3.20
C ARG B 87 2.58 5.63 -4.56
N SER B 88 3.73 5.25 -5.11
CA SER B 88 4.12 5.83 -6.39
C SER B 88 3.33 5.19 -7.51
N ALA B 89 2.91 3.93 -7.32
CA ALA B 89 2.06 3.27 -8.30
C ALA B 89 0.73 4.02 -8.44
N ALA B 90 0.19 4.47 -7.31
CA ALA B 90 -1.05 5.23 -7.28
C ALA B 90 -0.84 6.60 -7.96
N PHE B 91 0.29 7.24 -7.65
CA PHE B 91 0.62 8.52 -8.26
C PHE B 91 0.75 8.38 -9.78
N SER B 92 1.36 7.29 -10.23
CA SER B 92 1.44 7.03 -11.67
C SER B 92 0.06 6.88 -12.32
N THR B 93 -0.88 6.30 -11.59
CA THR B 93 -2.25 6.17 -12.08
C THR B 93 -2.88 7.55 -12.23
N PHE B 94 -2.68 8.42 -11.23
CA PHE B 94 -3.17 9.81 -11.29
C PHE B 94 -2.59 10.57 -12.48
N THR B 95 -1.27 10.53 -12.62
CA THR B 95 -0.64 11.31 -13.71
C THR B 95 -0.87 10.71 -15.09
N ARG B 96 -1.07 9.39 -15.15
CA ARG B 96 -1.35 8.75 -16.44
C ARG B 96 -2.68 9.30 -17.00
N ALA B 97 -3.70 9.32 -16.15
CA ALA B 97 -4.97 9.92 -16.52
C ALA B 97 -4.76 11.39 -16.87
N ALA B 98 -4.00 12.10 -16.06
CA ALA B 98 -3.85 13.55 -16.28
C ALA B 98 -3.20 13.86 -17.64
N LEU B 99 -2.14 13.12 -17.98
CA LEU B 99 -1.44 13.38 -19.23
C LEU B 99 -2.36 13.17 -20.41
N LYS B 100 -3.10 12.07 -20.38
CA LYS B 100 -3.98 11.75 -21.51
C LYS B 100 -4.99 12.88 -21.70
N ALA B 101 -5.51 13.38 -20.59
CA ALA B 101 -6.51 14.46 -20.62
C ALA B 101 -5.90 15.79 -21.06
N TRP B 102 -4.70 16.11 -20.55
CA TRP B 102 -3.99 17.30 -21.00
C TRP B 102 -3.78 17.26 -22.52
N LYS B 103 -3.71 16.07 -23.11
CA LYS B 103 -3.47 16.00 -24.55
C LYS B 103 -4.75 15.88 -25.38
N THR B 104 -5.87 15.50 -24.76
CA THR B 104 -7.07 15.14 -25.51
C THR B 104 -8.35 15.89 -25.12
N ASP B 105 -8.42 16.43 -23.91
CA ASP B 105 -9.65 17.09 -23.48
C ASP B 105 -9.60 18.56 -23.87
N PRO B 106 -10.50 19.00 -24.77
CA PRO B 106 -10.47 20.38 -25.30
C PRO B 106 -10.63 21.42 -24.20
N VAL B 107 -11.18 21.02 -23.05
CA VAL B 107 -11.26 21.95 -21.93
C VAL B 107 -9.86 22.29 -21.40
N PHE B 108 -8.94 21.34 -21.52
CA PHE B 108 -7.63 21.46 -20.88
C PHE B 108 -6.46 21.57 -21.86
N GLN B 109 -6.65 20.96 -23.03
CA GLN B 109 -5.59 20.82 -24.02
C GLN B 109 -4.85 22.13 -24.41
N PRO B 110 -5.58 23.25 -24.58
CA PRO B 110 -4.85 24.48 -24.95
C PRO B 110 -3.87 24.98 -23.88
N TYR B 111 -3.89 24.43 -22.66
CA TYR B 111 -3.08 24.96 -21.57
C TYR B 111 -1.90 24.10 -21.17
N PHE B 112 -1.69 23.01 -21.90
CA PHE B 112 -0.58 22.12 -21.60
C PHE B 112 0.54 22.36 -22.62
N HIS B 113 1.72 22.69 -22.12
CA HIS B 113 2.88 22.92 -22.99
C HIS B 113 3.89 21.82 -22.75
N GLU B 114 3.92 20.87 -23.69
CA GLU B 114 4.69 19.65 -23.50
C GLU B 114 6.12 19.90 -23.95
N THR B 115 6.84 20.69 -23.15
CA THR B 115 8.18 21.17 -23.48
C THR B 115 9.26 20.38 -22.76
N GLY B 116 8.88 19.44 -21.91
CA GLY B 116 9.88 18.68 -21.16
C GLY B 116 10.15 19.16 -19.73
N PHE B 117 10.96 18.41 -19.00
CA PHE B 117 11.17 18.63 -17.57
C PHE B 117 12.58 18.18 -17.17
N ILE B 118 13.32 19.06 -16.52
CA ILE B 118 14.68 18.72 -16.09
C ILE B 118 14.71 18.66 -14.58
N ILE B 119 15.15 17.53 -14.05
CA ILE B 119 15.34 17.39 -12.62
C ILE B 119 16.84 17.28 -12.31
N SER B 120 17.30 18.06 -11.35
CA SER B 120 18.73 18.14 -11.12
C SER B 120 19.08 18.47 -9.68
N GLY B 121 20.35 18.30 -9.36
CA GLY B 121 20.90 18.70 -8.07
C GLY B 121 22.37 19.04 -8.25
N HIS B 122 22.96 19.65 -7.22
CA HIS B 122 24.30 20.23 -7.33
C HIS B 122 25.32 19.69 -6.32
N THR B 123 24.96 18.63 -5.60
CA THR B 123 25.91 17.87 -4.80
C THR B 123 25.70 16.39 -5.12
N PRO B 124 26.75 15.55 -4.97
CA PRO B 124 26.62 14.12 -5.25
C PRO B 124 25.47 13.45 -4.49
N ALA B 125 25.23 13.87 -3.25
CA ALA B 125 24.12 13.32 -2.48
C ALA B 125 22.75 13.62 -3.12
N LEU B 126 22.52 14.86 -3.51
CA LEU B 126 21.25 15.23 -4.15
C LEU B 126 21.10 14.50 -5.45
N ILE B 127 22.19 14.43 -6.21
CA ILE B 127 22.19 13.78 -7.50
C ILE B 127 21.83 12.30 -7.36
N ASP B 128 22.40 11.65 -6.35
CA ASP B 128 22.15 10.23 -6.09
C ASP B 128 20.71 10.02 -5.65
N HIS B 129 20.22 10.93 -4.81
CA HIS B 129 18.83 10.90 -4.35
C HIS B 129 17.85 10.92 -5.55
N ILE B 130 18.11 11.82 -6.50
CA ILE B 130 17.31 11.90 -7.72
C ILE B 130 17.42 10.62 -8.52
N ARG B 131 18.65 10.11 -8.67
CA ARG B 131 18.87 8.89 -9.45
C ARG B 131 18.05 7.73 -8.89
N LYS B 132 18.00 7.60 -7.56
CA LYS B 132 17.26 6.53 -6.92
C LYS B 132 15.74 6.73 -6.97
N ASP B 133 15.26 7.89 -6.52
CA ASP B 133 13.83 8.14 -6.39
C ASP B 133 13.09 8.46 -7.69
N GLU B 134 13.81 8.97 -8.67
CA GLU B 134 13.15 9.45 -9.87
C GLU B 134 13.53 8.70 -11.13
N VAL B 135 14.78 8.26 -11.21
CA VAL B 135 15.30 7.74 -12.49
C VAL B 135 15.31 6.23 -12.64
N GLU B 136 15.89 5.52 -11.68
CA GLU B 136 16.13 4.10 -11.88
C GLU B 136 14.85 3.24 -11.85
N CYS B 137 13.84 3.68 -11.09
CA CYS B 137 12.56 2.98 -11.03
C CYS B 137 11.47 3.60 -11.93
N SER B 138 11.90 4.30 -12.97
CA SER B 138 10.99 4.93 -13.91
C SER B 138 11.20 4.35 -15.31
N GLU B 139 10.11 4.10 -16.01
CA GLU B 139 10.19 3.58 -17.38
C GLU B 139 10.73 4.61 -18.37
N THR B 140 10.64 5.88 -17.99
CA THR B 140 11.07 7.00 -18.82
C THR B 140 12.54 6.88 -19.28
N ASN B 141 12.79 7.20 -20.55
CA ASN B 141 14.15 7.31 -21.05
C ASN B 141 14.64 8.75 -20.92
N PHE B 142 15.55 8.97 -19.98
CA PHE B 142 16.05 10.31 -19.71
C PHE B 142 17.30 10.61 -20.52
N VAL B 143 17.55 11.89 -20.79
CA VAL B 143 18.84 12.34 -21.26
C VAL B 143 19.65 12.81 -20.06
N LYS B 144 20.85 12.28 -19.87
CA LYS B 144 21.69 12.68 -18.76
C LYS B 144 22.35 14.04 -19.06
N LEU B 145 22.33 14.94 -18.08
CA LEU B 145 23.04 16.22 -18.20
C LEU B 145 24.21 16.23 -17.24
N GLU B 146 25.42 16.24 -17.78
CA GLU B 146 26.67 16.05 -17.01
C GLU B 146 27.44 17.35 -16.76
N THR B 147 27.35 18.27 -17.71
CA THR B 147 28.15 19.50 -17.67
C THR B 147 27.27 20.74 -17.81
N ALA B 148 27.82 21.91 -17.47
CA ALA B 148 27.11 23.17 -17.68
C ALA B 148 26.70 23.35 -19.15
N GLU B 149 27.57 22.95 -20.07
CA GLU B 149 27.22 23.01 -21.49
C GLU B 149 26.01 22.12 -21.84
N ASP B 150 25.93 20.93 -21.25
CA ASP B 150 24.76 20.06 -21.44
C ASP B 150 23.49 20.80 -21.01
N PHE B 151 23.54 21.42 -19.84
CA PHE B 151 22.40 22.20 -19.34
C PHE B 151 22.02 23.33 -20.27
N ARG B 152 22.99 24.19 -20.61
CA ARG B 152 22.72 25.35 -21.46
C ARG B 152 22.13 24.95 -22.83
N ARG B 153 22.53 23.79 -23.35
CA ARG B 153 22.03 23.35 -24.65
C ARG B 153 20.60 22.84 -24.66
N THR B 154 19.95 22.75 -23.51
CA THR B 154 18.56 22.30 -23.47
C THR B 154 17.57 23.39 -23.87
N MET B 155 18.08 24.62 -24.02
CA MET B 155 17.26 25.80 -24.30
C MET B 155 17.94 26.67 -25.35
N PRO B 156 17.19 27.60 -25.99
CA PRO B 156 17.80 28.45 -27.02
C PRO B 156 18.94 29.32 -26.48
N PRO B 157 19.90 29.65 -27.35
CA PRO B 157 21.04 30.49 -26.93
C PRO B 157 20.56 31.84 -26.39
N GLY B 158 21.19 32.30 -25.32
CA GLY B 158 20.78 33.53 -24.69
C GLY B 158 19.85 33.29 -23.51
N VAL B 159 19.32 32.06 -23.40
CA VAL B 159 18.41 31.77 -22.28
C VAL B 159 19.19 31.33 -21.04
N LEU B 160 19.89 30.19 -21.16
CA LEU B 160 20.73 29.71 -20.05
C LEU B 160 22.16 30.14 -20.30
N THR B 161 22.73 30.85 -19.31
CA THR B 161 24.06 31.43 -19.43
C THR B 161 24.91 31.15 -18.21
N GLY B 162 24.38 30.39 -17.24
CA GLY B 162 25.11 30.11 -16.03
C GLY B 162 26.24 29.09 -16.14
N ASP B 163 27.00 28.96 -15.06
CA ASP B 163 28.03 27.92 -14.95
C ASP B 163 27.55 26.67 -14.23
N PHE B 164 26.30 26.67 -13.77
CA PHE B 164 25.69 25.46 -13.17
C PHE B 164 26.69 24.66 -12.32
N PRO B 165 27.31 25.32 -11.32
CA PRO B 165 28.44 24.71 -10.59
C PRO B 165 28.06 23.45 -9.80
N GLY B 166 28.63 22.30 -10.18
CA GLY B 166 28.30 21.04 -9.53
C GLY B 166 26.97 20.41 -9.94
N TRP B 167 26.22 21.08 -10.83
CA TRP B 167 24.91 20.55 -11.22
C TRP B 167 25.04 19.36 -12.15
N LYS B 168 24.27 18.31 -11.86
CA LYS B 168 24.00 17.26 -12.85
C LYS B 168 22.51 16.96 -12.77
N GLY B 169 21.95 16.43 -13.85
CA GLY B 169 20.53 16.15 -13.85
C GLY B 169 20.07 15.30 -15.01
N TRP B 170 18.76 15.19 -15.17
CA TRP B 170 18.16 14.35 -16.20
C TRP B 170 17.05 15.11 -16.91
N LEU B 171 17.03 15.05 -18.24
CA LEU B 171 15.97 15.69 -19.04
C LEU B 171 14.91 14.67 -19.45
N HIS B 172 13.66 14.92 -19.06
CA HIS B 172 12.51 14.16 -19.51
C HIS B 172 11.81 14.96 -20.64
N LYS B 173 11.92 14.47 -21.86
CA LYS B 173 11.46 15.20 -23.05
C LYS B 173 9.94 15.19 -23.33
N SER B 174 9.35 14.00 -23.38
CA SER B 174 7.92 13.88 -23.69
C SER B 174 7.16 13.45 -22.46
N GLY B 175 5.86 13.72 -22.43
CA GLY B 175 5.06 13.36 -21.26
C GLY B 175 5.31 14.29 -20.09
N ALA B 176 5.94 15.43 -20.33
CA ALA B 176 6.20 16.37 -19.25
C ALA B 176 6.34 17.80 -19.78
N GLY B 177 6.19 18.77 -18.89
CA GLY B 177 6.26 20.16 -19.30
C GLY B 177 5.58 21.07 -18.31
N TRP B 178 4.85 22.08 -18.78
CA TRP B 178 4.14 22.98 -17.88
C TRP B 178 2.70 23.25 -18.32
N ILE B 179 1.89 23.70 -17.36
CA ILE B 179 0.49 23.98 -17.62
C ILE B 179 0.16 25.40 -17.20
N HIS B 180 -0.71 26.06 -17.95
CA HIS B 180 -1.20 27.36 -17.49
C HIS B 180 -2.32 27.08 -16.50
N ALA B 181 -1.95 26.83 -15.25
CA ALA B 181 -2.93 26.44 -14.22
C ALA B 181 -4.09 27.42 -14.07
N LYS B 182 -3.78 28.71 -14.01
CA LYS B 182 -4.82 29.72 -13.88
C LYS B 182 -5.85 29.67 -15.02
N LYS B 183 -5.37 29.65 -16.26
CA LYS B 183 -6.29 29.62 -17.39
C LYS B 183 -7.05 28.30 -17.50
N ALA B 184 -6.38 27.20 -17.14
CA ALA B 184 -7.02 25.90 -17.18
C ALA B 184 -8.13 25.82 -16.12
N MET B 185 -7.89 26.42 -14.95
CA MET B 185 -8.92 26.45 -13.90
C MET B 185 -10.16 27.24 -14.34
N ILE B 186 -9.94 28.41 -14.94
CA ILE B 186 -11.00 29.25 -15.52
C ILE B 186 -11.75 28.49 -16.65
N SER B 187 -11.01 27.76 -17.47
CA SER B 187 -11.59 26.90 -18.49
C SER B 187 -12.51 25.82 -17.85
N ALA B 188 -12.06 25.18 -16.78
CA ALA B 188 -12.89 24.14 -16.12
C ALA B 188 -14.15 24.75 -15.49
N PHE B 189 -13.95 25.87 -14.82
CA PHE B 189 -15.02 26.70 -14.27
C PHE B 189 -16.07 27.06 -15.33
N ASN B 190 -15.62 27.62 -16.44
CA ASN B 190 -16.52 27.98 -17.53
C ASN B 190 -17.30 26.80 -18.09
N GLU B 191 -16.64 25.66 -18.24
CA GLU B 191 -17.32 24.47 -18.80
C GLU B 191 -18.31 23.84 -17.80
N ALA B 192 -17.95 23.85 -16.53
CA ALA B 192 -18.84 23.39 -15.49
C ALA B 192 -20.14 24.19 -15.49
N LYS B 193 -20.02 25.52 -15.52
CA LYS B 193 -21.22 26.39 -15.58
C LYS B 193 -22.05 26.11 -16.82
N ARG B 194 -21.40 25.93 -17.96
CA ARG B 194 -22.10 25.66 -19.22
C ARG B 194 -22.92 24.37 -19.08
N LEU B 195 -22.39 23.42 -18.32
CA LEU B 195 -23.05 22.14 -18.11
C LEU B 195 -24.09 22.19 -16.98
N GLY B 196 -24.27 23.35 -16.36
CA GLY B 196 -25.32 23.56 -15.37
C GLY B 196 -24.96 23.68 -13.91
N VAL B 197 -23.67 23.64 -13.58
CA VAL B 197 -23.23 23.76 -12.18
C VAL B 197 -23.41 25.19 -11.71
N ARG B 198 -23.92 25.37 -10.48
CA ARG B 198 -24.08 26.70 -9.91
C ARG B 198 -22.89 27.07 -9.03
N PHE B 199 -22.23 28.16 -9.38
CA PHE B 199 -21.10 28.65 -8.58
C PHE B 199 -21.52 29.85 -7.73
N VAL B 200 -21.31 29.75 -6.43
CA VAL B 200 -21.51 30.89 -5.55
C VAL B 200 -20.11 31.28 -5.06
N THR B 201 -19.50 32.23 -5.76
CA THR B 201 -18.08 32.53 -5.54
C THR B 201 -17.87 34.01 -5.24
N GLY B 202 -17.68 34.34 -3.98
CA GLY B 202 -17.60 35.72 -3.54
C GLY B 202 -17.99 35.76 -2.07
N SER B 203 -17.71 36.87 -1.39
CA SER B 203 -18.01 37.00 0.04
C SER B 203 -19.08 38.06 0.26
N PRO B 204 -19.97 37.84 1.25
CA PRO B 204 -19.92 36.71 2.18
C PRO B 204 -20.64 35.45 1.70
N GLU B 205 -21.33 35.51 0.56
CA GLU B 205 -22.26 34.44 0.15
C GLU B 205 -21.62 33.05 -0.09
N GLY B 206 -20.38 33.02 -0.55
CA GLY B 206 -19.68 31.77 -0.82
C GLY B 206 -18.65 31.41 0.24
N ASN B 207 -18.52 32.25 1.25
CA ASN B 207 -17.56 32.07 2.33
C ASN B 207 -18.07 31.12 3.40
N VAL B 208 -17.67 29.86 3.32
CA VAL B 208 -18.15 28.85 4.27
C VAL B 208 -17.48 29.01 5.62
N VAL B 209 -18.27 29.15 6.68
CA VAL B 209 -17.72 29.37 8.01
C VAL B 209 -17.86 28.12 8.89
N SER B 210 -18.75 27.19 8.51
CA SER B 210 -18.82 25.91 9.21
CA SER B 210 -18.89 25.95 9.25
C SER B 210 -19.60 24.89 8.41
N LEU B 211 -19.34 23.62 8.72
CA LEU B 211 -20.14 22.52 8.19
C LEU B 211 -21.35 22.44 9.10
N VAL B 212 -22.48 22.00 8.56
CA VAL B 212 -23.69 21.87 9.36
C VAL B 212 -23.92 20.40 9.61
N TYR B 213 -24.19 20.05 10.87
CA TYR B 213 -24.36 18.66 11.26
C TYR B 213 -25.78 18.40 11.70
N GLU B 214 -26.30 17.22 11.34
CA GLU B 214 -27.56 16.74 11.89
C GLU B 214 -27.43 15.25 12.14
N ASP B 215 -27.79 14.82 13.35
CA ASP B 215 -27.79 13.40 13.70
C ASP B 215 -26.46 12.74 13.37
N GLY B 216 -25.36 13.41 13.70
CA GLY B 216 -24.03 12.88 13.52
C GLY B 216 -23.46 12.89 12.10
N ASP B 217 -24.18 13.46 11.14
CA ASP B 217 -23.72 13.47 9.76
C ASP B 217 -23.71 14.91 9.24
N VAL B 218 -22.90 15.16 8.22
CA VAL B 218 -22.85 16.48 7.60
C VAL B 218 -24.03 16.65 6.63
N VAL B 219 -24.81 17.70 6.82
CA VAL B 219 -25.95 17.94 5.93
C VAL B 219 -25.77 19.19 5.07
N GLY B 220 -24.59 19.80 5.16
CA GLY B 220 -24.30 20.95 4.32
C GLY B 220 -23.36 21.94 4.97
N ALA B 221 -23.48 23.21 4.56
CA ALA B 221 -22.52 24.25 4.91
C ALA B 221 -23.21 25.55 5.29
N ARG B 222 -22.67 26.26 6.29
CA ARG B 222 -23.13 27.60 6.61
C ARG B 222 -22.13 28.63 6.09
N THR B 223 -22.64 29.65 5.41
CA THR B 223 -21.78 30.72 4.91
C THR B 223 -21.86 31.97 5.79
N ALA B 224 -20.96 32.92 5.55
CA ALA B 224 -20.79 34.07 6.44
C ALA B 224 -21.97 35.06 6.38
N ASP B 225 -22.81 34.93 5.36
CA ASP B 225 -24.03 35.72 5.27
C ASP B 225 -25.15 35.15 6.15
N GLY B 226 -24.85 34.06 6.86
CA GLY B 226 -25.82 33.40 7.73
C GLY B 226 -26.64 32.31 7.05
N ARG B 227 -26.55 32.19 5.73
CA ARG B 227 -27.34 31.18 5.03
C ARG B 227 -26.81 29.74 5.25
N VAL B 228 -27.75 28.82 5.46
CA VAL B 228 -27.42 27.39 5.54
C VAL B 228 -27.73 26.73 4.21
N HIS B 229 -26.76 26.00 3.67
CA HIS B 229 -26.94 25.31 2.40
C HIS B 229 -27.00 23.83 2.67
N LYS B 230 -28.17 23.22 2.45
CA LYS B 230 -28.36 21.81 2.71
C LYS B 230 -28.06 21.00 1.46
N ALA B 231 -27.53 19.79 1.63
CA ALA B 231 -27.29 18.90 0.50
C ALA B 231 -27.18 17.44 0.93
N HIS B 232 -27.52 16.54 0.01
CA HIS B 232 -27.42 15.10 0.25
C HIS B 232 -25.96 14.65 0.38
N ARG B 233 -25.05 15.36 -0.28
CA ARG B 233 -23.61 15.12 -0.15
C ARG B 233 -22.86 16.45 -0.09
N THR B 234 -21.82 16.50 0.74
CA THR B 234 -20.97 17.67 0.85
C THR B 234 -19.53 17.25 0.57
N ILE B 235 -18.88 17.94 -0.36
CA ILE B 235 -17.51 17.63 -0.70
C ILE B 235 -16.63 18.79 -0.23
N LEU B 236 -15.68 18.50 0.66
CA LEU B 236 -14.75 19.52 1.15
C LEU B 236 -13.46 19.50 0.32
N SER B 237 -13.32 20.46 -0.59
CA SER B 237 -12.12 20.57 -1.41
C SER B 237 -11.61 22.01 -1.40
N ALA B 238 -11.31 22.52 -0.21
CA ALA B 238 -10.92 23.92 -0.02
C ALA B 238 -9.40 24.15 0.17
N GLY B 239 -8.59 23.24 -0.35
CA GLY B 239 -7.14 23.36 -0.26
C GLY B 239 -6.70 23.49 1.19
N ALA B 240 -5.75 24.39 1.44
CA ALA B 240 -5.18 24.58 2.78
C ALA B 240 -6.21 25.06 3.80
N GLY B 241 -7.18 25.86 3.34
CA GLY B 241 -8.26 26.33 4.19
C GLY B 241 -9.19 25.23 4.69
N SER B 242 -9.16 24.06 4.07
CA SER B 242 -9.99 22.93 4.54
C SER B 242 -9.68 22.61 6.00
N ASP B 243 -8.43 22.82 6.39
CA ASP B 243 -7.94 22.44 7.72
C ASP B 243 -8.65 23.22 8.82
N SER B 244 -9.33 24.32 8.43
CA SER B 244 -10.08 25.18 9.34
C SER B 244 -11.55 24.79 9.51
N LEU B 245 -12.05 23.93 8.62
CA LEU B 245 -13.49 23.64 8.58
C LEU B 245 -13.83 22.27 9.15
N LEU B 246 -12.81 21.45 9.35
CA LEU B 246 -12.99 20.09 9.86
C LEU B 246 -11.76 19.69 10.67
N ASP B 247 -11.96 18.87 11.69
CA ASP B 247 -10.84 18.31 12.44
C ASP B 247 -10.23 17.17 11.64
N PHE B 248 -9.12 17.44 10.95
CA PHE B 248 -8.47 16.41 10.12
C PHE B 248 -7.55 15.49 10.92
N LYS B 249 -7.52 15.69 12.24
CA LYS B 249 -6.75 14.81 13.15
C LYS B 249 -5.29 14.81 12.73
N LYS B 250 -4.77 16.00 12.41
CA LYS B 250 -3.37 16.23 12.04
C LYS B 250 -2.99 15.70 10.67
N GLN B 251 -3.96 15.22 9.90
CA GLN B 251 -3.64 14.69 8.58
C GLN B 251 -3.20 15.77 7.58
N LEU B 252 -3.53 17.02 7.85
CA LEU B 252 -3.11 18.11 6.98
C LEU B 252 -2.14 19.07 7.68
N ARG B 253 -1.04 19.39 7.01
CA ARG B 253 -0.20 20.48 7.45
C ARG B 253 -0.22 21.58 6.39
N PRO B 254 -1.00 22.65 6.62
CA PRO B 254 -0.93 23.81 5.74
C PRO B 254 0.49 24.36 5.71
N THR B 255 1.03 24.46 4.50
CA THR B 255 2.43 24.81 4.28
C THR B 255 2.55 25.71 3.05
N ALA B 256 3.43 26.70 3.12
CA ALA B 256 3.54 27.68 2.04
C ALA B 256 4.87 27.64 1.30
N TRP B 257 4.80 27.82 -0.02
CA TRP B 257 5.99 28.07 -0.82
C TRP B 257 5.98 29.48 -1.40
N THR B 258 7.10 29.88 -1.98
CA THR B 258 7.34 31.26 -2.36
C THR B 258 7.63 31.35 -3.85
N LEU B 259 7.11 32.38 -4.50
CA LEU B 259 7.37 32.57 -5.91
C LEU B 259 7.57 34.05 -6.17
N CYS B 260 8.32 34.37 -7.22
CA CYS B 260 8.45 35.75 -7.66
C CYS B 260 8.53 35.83 -9.19
N HIS B 261 8.21 36.99 -9.74
CA HIS B 261 8.24 37.18 -11.18
C HIS B 261 9.26 38.24 -11.57
N ILE B 262 9.89 38.06 -12.72
CA ILE B 262 10.69 39.12 -13.34
C ILE B 262 10.04 39.45 -14.69
N GLN B 263 9.87 40.75 -14.94
CA GLN B 263 9.26 41.23 -16.18
C GLN B 263 10.29 41.26 -17.31
N MET B 264 10.07 40.44 -18.33
CA MET B 264 11.01 40.35 -19.45
C MET B 264 10.73 41.46 -20.47
N GLY B 265 11.78 41.92 -21.16
CA GLY B 265 11.67 42.94 -22.21
C GLY B 265 11.08 42.43 -23.52
N PRO B 266 10.60 43.36 -24.36
CA PRO B 266 9.84 43.02 -25.57
C PRO B 266 10.66 42.24 -26.60
N GLU B 267 11.96 42.48 -26.65
CA GLU B 267 12.79 41.69 -27.55
C GLU B 267 13.33 40.43 -26.88
N GLU B 268 13.87 40.57 -25.67
CA GLU B 268 14.55 39.44 -25.04
C GLU B 268 13.61 38.25 -24.82
N VAL B 269 12.35 38.53 -24.54
CA VAL B 269 11.36 37.49 -24.23
C VAL B 269 11.15 36.49 -25.39
N LYS B 270 11.37 36.95 -26.63
CA LYS B 270 11.09 36.12 -27.81
C LYS B 270 11.98 34.89 -27.88
N GLN B 271 13.09 34.89 -27.15
CA GLN B 271 13.99 33.76 -27.16
C GLN B 271 13.57 32.71 -26.10
N TYR B 272 12.75 33.12 -25.14
CA TYR B 272 12.39 32.26 -24.00
C TYR B 272 11.08 31.52 -24.27
N ARG B 273 11.05 30.73 -25.32
CA ARG B 273 9.80 30.11 -25.75
C ARG B 273 9.96 28.62 -25.80
N ASN B 274 8.89 27.92 -25.41
CA ASN B 274 8.85 26.47 -25.45
C ASN B 274 10.02 25.86 -24.69
N LEU B 275 10.17 26.29 -23.45
CA LEU B 275 11.29 25.88 -22.61
C LEU B 275 10.86 24.72 -21.73
N PRO B 276 11.73 23.69 -21.61
CA PRO B 276 11.52 22.67 -20.58
C PRO B 276 11.62 23.31 -19.20
N VAL B 277 10.86 22.76 -18.25
CA VAL B 277 10.99 23.16 -16.86
C VAL B 277 12.41 22.82 -16.39
N LEU B 278 13.05 23.76 -15.71
CA LEU B 278 14.37 23.49 -15.13
C LEU B 278 14.26 23.49 -13.61
N PHE B 279 14.46 22.32 -13.00
CA PHE B 279 14.24 22.18 -11.57
C PHE B 279 15.51 21.67 -10.89
N ASN B 280 16.03 22.44 -9.94
CA ASN B 280 17.05 21.93 -9.04
C ASN B 280 16.35 21.71 -7.69
N ILE B 281 16.31 20.44 -7.25
CA ILE B 281 15.52 20.06 -6.06
C ILE B 281 15.96 20.69 -4.74
N ALA B 282 17.10 21.37 -4.75
CA ALA B 282 17.55 22.06 -3.55
C ALA B 282 17.82 23.54 -3.82
N LYS B 283 17.39 24.03 -4.96
CA LYS B 283 17.56 25.46 -5.26
C LYS B 283 16.32 26.14 -5.80
N GLY B 284 15.66 25.52 -6.77
CA GLY B 284 14.44 26.10 -7.29
C GLY B 284 14.12 25.72 -8.70
N PHE B 285 13.14 26.40 -9.29
CA PHE B 285 12.80 26.15 -10.68
C PHE B 285 12.25 27.41 -11.32
N PHE B 286 12.28 27.46 -12.65
CA PHE B 286 11.61 28.55 -13.34
C PHE B 286 10.89 28.02 -14.54
N MET B 287 9.92 28.79 -15.01
CA MET B 287 9.21 28.41 -16.22
C MET B 287 9.15 29.61 -17.16
N GLU B 288 8.96 29.34 -18.45
CA GLU B 288 9.05 30.39 -19.46
C GLU B 288 8.04 31.51 -19.21
N PRO B 289 8.35 32.73 -19.69
CA PRO B 289 7.53 33.93 -19.46
C PRO B 289 6.11 33.75 -19.96
N ASP B 290 5.12 34.30 -19.25
CA ASP B 290 3.73 34.13 -19.66
C ASP B 290 3.36 35.00 -20.86
N GLU B 291 2.37 34.54 -21.62
CA GLU B 291 1.97 35.17 -22.88
C GLU B 291 1.33 36.55 -22.69
N ASP B 292 0.76 36.79 -21.52
CA ASP B 292 0.06 38.05 -21.27
C ASP B 292 0.96 39.18 -20.74
N LYS B 293 1.71 38.89 -19.68
CA LYS B 293 2.52 39.94 -19.06
C LYS B 293 4.04 39.76 -19.24
N HIS B 294 4.45 38.72 -19.97
CA HIS B 294 5.87 38.44 -20.19
C HIS B 294 6.70 38.33 -18.91
N GLU B 295 6.09 37.75 -17.88
CA GLU B 295 6.74 37.56 -16.59
C GLU B 295 7.27 36.14 -16.42
N LEU B 296 8.52 36.03 -15.99
CA LEU B 296 9.21 34.77 -15.78
C LEU B 296 9.11 34.47 -14.29
N LYS B 297 8.57 33.31 -13.95
CA LYS B 297 8.37 32.94 -12.55
C LYS B 297 9.51 32.08 -12.02
N ILE B 298 10.00 32.43 -10.83
CA ILE B 298 11.01 31.62 -10.14
C ILE B 298 10.44 31.16 -8.79
N CYS B 299 10.51 29.85 -8.53
CA CYS B 299 10.25 29.34 -7.19
C CYS B 299 11.57 28.95 -6.56
N ASP B 300 11.85 29.46 -5.36
CA ASP B 300 13.03 29.04 -4.64
C ASP B 300 12.62 27.82 -3.82
N GLU B 301 13.34 26.72 -3.95
CA GLU B 301 12.90 25.48 -3.31
C GLU B 301 13.41 25.41 -1.86
N HIS B 302 12.56 24.92 -0.98
CA HIS B 302 12.86 24.74 0.45
C HIS B 302 11.77 23.83 1.02
N PRO B 303 11.92 23.39 2.30
CA PRO B 303 10.90 22.44 2.78
C PRO B 303 9.54 23.07 3.12
N GLY B 304 9.45 24.38 3.09
CA GLY B 304 8.17 25.04 3.32
C GLY B 304 8.18 26.00 4.49
N TYR B 305 7.33 27.03 4.40
CA TYR B 305 7.01 27.87 5.55
C TYR B 305 5.67 27.43 6.14
N CYS B 306 5.61 27.32 7.46
CA CYS B 306 4.35 27.18 8.16
C CYS B 306 4.12 28.47 8.93
N ASN B 307 2.93 28.65 9.48
CA ASN B 307 2.67 29.79 10.33
C ASN B 307 2.06 29.27 11.63
N PHE B 308 2.94 28.94 12.58
CA PHE B 308 2.53 28.16 13.74
C PHE B 308 1.88 29.01 14.81
N LEU B 309 0.61 28.72 15.09
CA LEU B 309 -0.14 29.40 16.13
C LEU B 309 -0.67 28.35 17.09
N PRO B 310 -1.07 28.75 18.30
CA PRO B 310 -1.65 27.77 19.23
C PRO B 310 -2.84 27.05 18.60
N ASP B 311 -2.89 25.74 18.74
CA ASP B 311 -4.06 24.98 18.32
C ASP B 311 -5.16 25.20 19.35
N PRO B 312 -6.24 25.90 18.95
CA PRO B 312 -7.31 26.26 19.89
C PRO B 312 -8.03 25.03 20.45
N ASN B 313 -7.92 23.88 19.77
CA ASN B 313 -8.59 22.66 20.20
C ASN B 313 -7.67 21.64 20.83
N ARG B 314 -6.38 21.97 20.91
CA ARG B 314 -5.41 21.09 21.52
C ARG B 314 -4.46 21.95 22.35
N PRO B 315 -4.86 22.27 23.59
CA PRO B 315 -4.05 23.09 24.49
C PRO B 315 -2.60 22.62 24.52
N GLY B 316 -1.67 23.56 24.46
CA GLY B 316 -0.25 23.23 24.50
C GLY B 316 0.33 22.91 23.14
N GLN B 317 -0.53 22.78 22.13
CA GLN B 317 -0.05 22.37 20.81
C GLN B 317 -0.10 23.48 19.76
N GLU B 318 0.51 23.21 18.60
CA GLU B 318 0.61 24.15 17.49
C GLU B 318 -0.19 23.69 16.29
N LYS B 319 -0.60 24.65 15.46
CA LYS B 319 -1.28 24.39 14.21
C LYS B 319 -0.84 25.45 13.21
N SER B 320 -0.55 25.05 11.98
CA SER B 320 -0.11 26.02 10.98
C SER B 320 -1.34 26.68 10.34
N VAL B 321 -1.40 28.00 10.38
CA VAL B 321 -2.58 28.71 9.88
C VAL B 321 -2.25 29.67 8.74
N PRO B 322 -2.86 29.46 7.56
CA PRO B 322 -2.58 30.28 6.38
C PRO B 322 -2.98 31.75 6.53
N PHE B 323 -2.26 32.62 5.84
CA PHE B 323 -2.68 33.99 5.59
C PHE B 323 -2.18 34.34 4.19
N ALA B 324 -2.82 35.30 3.54
CA ALA B 324 -2.43 35.68 2.19
C ALA B 324 -1.44 36.85 2.23
N LYS B 325 -0.52 36.89 1.26
CA LYS B 325 0.39 38.03 1.14
C LYS B 325 1.06 38.04 -0.24
N HIS B 326 1.06 39.20 -0.89
CA HIS B 326 1.75 39.40 -2.16
C HIS B 326 3.14 40.00 -1.97
N GLN B 327 3.90 39.37 -1.10
CA GLN B 327 5.33 39.60 -0.96
C GLN B 327 5.87 38.24 -0.52
N ILE B 328 7.18 38.07 -0.59
CA ILE B 328 7.84 36.90 -0.03
C ILE B 328 8.92 37.38 0.96
N PRO B 329 9.36 36.50 1.88
CA PRO B 329 10.45 36.97 2.74
C PRO B 329 11.69 37.31 1.92
N LEU B 330 12.50 38.23 2.42
CA LEU B 330 13.70 38.66 1.72
C LEU B 330 14.66 37.49 1.49
N GLU B 331 14.70 36.59 2.46
CA GLU B 331 15.57 35.42 2.34
C GLU B 331 15.14 34.50 1.19
N ALA B 332 13.85 34.52 0.85
CA ALA B 332 13.37 33.71 -0.26
C ALA B 332 13.78 34.37 -1.58
N GLU B 333 13.68 35.70 -1.64
CA GLU B 333 14.20 36.45 -2.77
C GLU B 333 15.69 36.12 -3.00
N ALA B 334 16.47 36.11 -1.93
CA ALA B 334 17.90 35.82 -2.03
C ALA B 334 18.13 34.40 -2.56
N ARG B 335 17.33 33.45 -2.11
CA ARG B 335 17.42 32.08 -2.63
C ARG B 335 17.06 32.03 -4.12
N ALA B 336 16.05 32.81 -4.52
CA ALA B 336 15.67 32.86 -5.93
C ALA B 336 16.80 33.43 -6.78
N ARG B 337 17.44 34.51 -6.29
CA ARG B 337 18.57 35.13 -7.02
C ARG B 337 19.79 34.21 -7.11
N ASP B 338 19.99 33.36 -6.09
CA ASP B 338 21.05 32.36 -6.13
C ASP B 338 20.81 31.35 -7.26
N PHE B 339 19.56 30.88 -7.36
CA PHE B 339 19.16 30.00 -8.45
C PHE B 339 19.46 30.67 -9.80
N LEU B 340 19.10 31.94 -9.93
CA LEU B 340 19.33 32.66 -11.19
C LEU B 340 20.82 32.80 -11.49
N HIS B 341 21.61 33.03 -10.45
CA HIS B 341 23.05 33.13 -10.60
C HIS B 341 23.66 31.89 -11.26
N ASP B 342 23.18 30.72 -10.86
CA ASP B 342 23.70 29.46 -11.34
C ASP B 342 23.28 29.16 -12.78
N THR B 343 22.14 29.73 -13.19
CA THR B 343 21.48 29.32 -14.42
C THR B 343 21.34 30.44 -15.44
N MET B 344 20.89 31.61 -14.99
CA MET B 344 20.76 32.80 -15.86
C MET B 344 21.27 34.04 -15.12
N PRO B 345 22.60 34.11 -14.88
CA PRO B 345 23.19 35.22 -14.12
C PRO B 345 22.89 36.60 -14.73
N HIS B 346 22.57 36.65 -16.03
CA HIS B 346 22.20 37.93 -16.65
C HIS B 346 20.88 38.51 -16.07
N LEU B 347 20.09 37.66 -15.40
CA LEU B 347 18.83 38.09 -14.82
C LEU B 347 18.90 38.21 -13.30
N ALA B 348 20.02 37.80 -12.71
CA ALA B 348 20.06 37.60 -11.25
C ALA B 348 19.91 38.89 -10.43
N ASP B 349 20.17 40.04 -11.06
CA ASP B 349 20.01 41.33 -10.37
C ASP B 349 18.77 42.12 -10.83
N ARG B 350 17.87 41.48 -11.58
CA ARG B 350 16.68 42.17 -12.07
C ARG B 350 15.68 42.41 -10.93
N PRO B 351 14.97 43.56 -10.98
CA PRO B 351 13.97 43.81 -9.95
C PRO B 351 12.82 42.82 -10.10
N LEU B 352 12.17 42.49 -8.99
CA LEU B 352 11.00 41.62 -9.04
C LEU B 352 9.76 42.43 -9.40
N SER B 353 8.93 41.93 -10.30
CA SER B 353 7.68 42.62 -10.65
C SER B 353 6.50 42.13 -9.81
N PHE B 354 6.64 40.97 -9.17
CA PHE B 354 5.54 40.38 -8.41
C PHE B 354 6.14 39.30 -7.52
N ALA B 355 5.52 39.06 -6.38
CA ALA B 355 5.89 37.94 -5.52
C ALA B 355 4.72 37.58 -4.63
N ARG B 356 4.56 36.30 -4.29
CA ARG B 356 3.57 35.92 -3.28
C ARG B 356 3.92 34.61 -2.59
N ILE B 357 3.33 34.41 -1.42
CA ILE B 357 3.34 33.10 -0.79
C ILE B 357 2.14 32.33 -1.32
N CYS B 358 2.26 31.01 -1.32
CA CYS B 358 1.31 30.15 -1.96
C CYS B 358 1.11 28.91 -1.08
N TRP B 359 -0.14 28.67 -0.65
CA TRP B 359 -0.42 27.64 0.35
C TRP B 359 -0.97 26.34 -0.23
N ASP B 360 -0.44 25.23 0.26
CA ASP B 360 -1.00 23.91 0.01
C ASP B 360 -1.08 23.19 1.36
N ALA B 361 -1.48 21.92 1.36
CA ALA B 361 -1.41 21.13 2.59
C ALA B 361 -0.80 19.75 2.34
N ASP B 362 0.18 19.39 3.17
CA ASP B 362 0.84 18.10 3.11
C ASP B 362 0.17 17.09 4.03
N THR B 363 -0.06 15.89 3.50
CA THR B 363 -0.43 14.75 4.33
C THR B 363 0.88 14.16 4.90
N PRO B 364 0.78 13.18 5.82
CA PRO B 364 2.03 12.67 6.41
C PRO B 364 2.94 11.94 5.41
N ASP B 365 2.37 11.26 4.42
CA ASP B 365 3.18 10.60 3.40
C ASP B 365 3.17 11.35 2.06
N ARG B 366 2.53 12.51 2.04
CA ARG B 366 2.35 13.33 0.82
C ARG B 366 1.58 12.65 -0.32
N ALA B 367 0.78 11.63 0.00
CA ALA B 367 -0.23 11.14 -0.93
C ALA B 367 -1.50 11.95 -0.70
N PHE B 368 -2.41 11.99 -1.66
CA PHE B 368 -3.63 12.80 -1.52
C PHE B 368 -4.53 12.21 -0.44
N LEU B 369 -5.49 12.99 0.03
CA LEU B 369 -6.49 12.49 0.97
C LEU B 369 -7.90 12.65 0.39
N ILE B 370 -8.43 11.56 -0.16
CA ILE B 370 -9.71 11.57 -0.85
C ILE B 370 -10.52 10.38 -0.38
N ASP B 371 -11.55 10.65 0.42
CA ASP B 371 -12.29 9.58 1.08
C ASP B 371 -13.54 10.14 1.74
N ARG B 372 -14.52 9.28 1.93
CA ARG B 372 -15.69 9.59 2.75
C ARG B 372 -15.25 9.60 4.21
N HIS B 373 -15.78 10.51 5.01
CA HIS B 373 -15.46 10.57 6.43
C HIS B 373 -16.13 9.40 7.16
N PRO B 374 -15.35 8.61 7.91
CA PRO B 374 -15.87 7.40 8.57
C PRO B 374 -16.96 7.67 9.60
N GLU B 375 -16.98 8.86 10.20
CA GLU B 375 -18.02 9.18 11.17
C GLU B 375 -19.14 10.03 10.56
N HIS B 376 -18.95 10.50 9.34
CA HIS B 376 -19.95 11.34 8.67
C HIS B 376 -20.03 10.95 7.20
N PRO B 377 -20.79 9.88 6.91
CA PRO B 377 -20.80 9.25 5.58
C PRO B 377 -21.24 10.17 4.43
N SER B 378 -21.94 11.26 4.71
CA SER B 378 -22.34 12.15 3.62
C SER B 378 -21.28 13.18 3.28
N LEU B 379 -20.21 13.24 4.08
CA LEU B 379 -19.07 14.11 3.79
C LEU B 379 -17.98 13.35 3.04
N LEU B 380 -17.53 13.94 1.94
CA LEU B 380 -16.34 13.45 1.24
C LEU B 380 -15.27 14.52 1.33
N VAL B 381 -14.06 14.13 1.73
CA VAL B 381 -12.94 15.07 1.73
C VAL B 381 -12.09 14.83 0.48
N ALA B 382 -11.57 15.91 -0.11
CA ALA B 382 -10.65 15.81 -1.25
C ALA B 382 -9.61 16.90 -1.06
N VAL B 383 -8.53 16.55 -0.39
CA VAL B 383 -7.56 17.53 0.11
C VAL B 383 -6.19 16.89 0.08
N GLY B 384 -5.18 17.60 0.59
CA GLY B 384 -3.86 17.03 0.72
C GLY B 384 -3.05 16.98 -0.57
N GLY B 385 -3.16 18.03 -1.38
CA GLY B 385 -2.46 18.13 -2.66
C GLY B 385 -0.95 17.93 -2.52
N SER B 386 -0.40 18.30 -1.37
CA SER B 386 0.97 17.91 -1.01
C SER B 386 2.03 18.35 -2.02
N GLY B 387 1.81 19.49 -2.68
CA GLY B 387 2.77 20.03 -3.63
C GLY B 387 2.72 19.42 -5.02
N ASN B 388 1.73 18.55 -5.28
CA ASN B 388 1.64 17.84 -6.54
C ASN B 388 0.22 17.78 -7.09
N GLY B 389 -0.65 18.65 -6.58
CA GLY B 389 -2.06 18.60 -6.92
C GLY B 389 -2.51 19.32 -8.18
N ALA B 390 -1.71 20.26 -8.68
CA ALA B 390 -2.18 21.10 -9.77
C ALA B 390 -2.16 20.40 -11.14
N MET B 391 -1.16 19.56 -11.37
CA MET B 391 -1.05 18.84 -12.64
C MET B 391 -2.19 17.83 -12.78
N GLN B 392 -2.84 17.49 -11.67
CA GLN B 392 -3.97 16.55 -11.67
C GLN B 392 -5.28 17.18 -12.14
N MET B 393 -5.27 18.50 -12.36
CA MET B 393 -6.52 19.24 -12.62
C MET B 393 -7.54 18.62 -13.60
N PRO B 394 -7.11 18.14 -14.78
CA PRO B 394 -8.12 17.66 -15.74
C PRO B 394 -8.91 16.44 -15.25
N THR B 395 -8.28 15.64 -14.39
CA THR B 395 -8.83 14.33 -14.03
C THR B 395 -9.04 14.08 -12.53
N ILE B 396 -8.50 14.95 -11.67
CA ILE B 396 -8.65 14.74 -10.22
C ILE B 396 -10.13 14.63 -9.82
N GLY B 397 -10.98 15.44 -10.46
CA GLY B 397 -12.41 15.45 -10.19
C GLY B 397 -13.11 14.14 -10.55
N GLY B 398 -12.54 13.42 -11.51
CA GLY B 398 -13.01 12.09 -11.88
C GLY B 398 -12.73 11.04 -10.82
N PHE B 399 -11.52 11.07 -10.25
CA PHE B 399 -11.24 10.21 -9.11
C PHE B 399 -12.06 10.61 -7.88
N ILE B 400 -12.27 11.91 -7.70
CA ILE B 400 -13.07 12.39 -6.56
C ILE B 400 -14.53 11.95 -6.74
N ALA B 401 -15.04 12.06 -7.97
CA ALA B 401 -16.38 11.57 -8.29
C ALA B 401 -16.48 10.05 -8.11
N ASP B 402 -15.42 9.33 -8.50
CA ASP B 402 -15.36 7.88 -8.28
C ASP B 402 -15.60 7.56 -6.80
N ALA B 403 -14.90 8.29 -5.94
CA ALA B 403 -14.98 8.05 -4.51
C ALA B 403 -16.40 8.34 -4.00
N LEU B 404 -17.00 9.42 -4.51
CA LEU B 404 -18.36 9.77 -4.13
C LEU B 404 -19.33 8.65 -4.51
N GLU B 405 -19.09 8.04 -5.68
CA GLU B 405 -19.96 6.98 -6.21
C GLU B 405 -19.51 5.59 -5.75
N SER B 406 -18.58 5.56 -4.80
CA SER B 406 -18.05 4.32 -4.24
C SER B 406 -17.44 3.37 -5.26
N LYS B 407 -16.66 3.92 -6.20
CA LYS B 407 -16.03 3.07 -7.20
C LYS B 407 -14.60 3.50 -7.51
N LEU B 408 -13.94 4.15 -6.56
CA LEU B 408 -12.54 4.49 -6.72
C LEU B 408 -11.71 3.19 -6.73
N GLN B 409 -10.94 2.97 -7.79
CA GLN B 409 -10.15 1.74 -7.91
C GLN B 409 -9.23 1.51 -6.70
N LYS B 410 -9.08 0.24 -6.33
CA LYS B 410 -8.43 -0.14 -5.06
C LYS B 410 -6.99 0.33 -4.93
N GLU B 411 -6.23 0.28 -6.02
CA GLU B 411 -4.82 0.65 -5.98
C GLU B 411 -4.68 2.13 -5.57
N VAL B 412 -5.68 2.93 -5.91
CA VAL B 412 -5.66 4.34 -5.57
C VAL B 412 -6.34 4.56 -4.22
N LYS B 413 -7.48 3.90 -4.04
CA LYS B 413 -8.30 4.05 -2.85
C LYS B 413 -7.54 3.80 -1.55
N ASP B 414 -6.79 2.69 -1.49
CA ASP B 414 -6.07 2.34 -0.26
C ASP B 414 -4.98 3.36 0.09
N ILE B 415 -4.46 4.03 -0.94
CA ILE B 415 -3.41 5.03 -0.74
C ILE B 415 -3.96 6.38 -0.25
N VAL B 416 -5.10 6.80 -0.79
CA VAL B 416 -5.64 8.13 -0.50
C VAL B 416 -6.70 8.13 0.61
N ARG B 417 -6.90 6.97 1.23
CA ARG B 417 -7.91 6.81 2.28
C ARG B 417 -7.69 7.71 3.51
N TRP B 418 -8.78 7.98 4.23
CA TRP B 418 -8.76 8.60 5.54
C TRP B 418 -7.83 7.76 6.43
N ARG B 419 -6.85 8.40 7.06
CA ARG B 419 -5.82 7.66 7.76
C ARG B 419 -5.21 8.43 8.94
N PRO B 420 -6.04 8.80 9.92
CA PRO B 420 -5.53 9.60 11.03
C PRO B 420 -4.50 8.84 11.87
N GLU B 421 -4.48 7.52 11.75
CA GLU B 421 -3.52 6.72 12.52
C GLU B 421 -2.09 7.04 12.07
N THR B 422 -1.92 7.42 10.81
CA THR B 422 -0.60 7.79 10.29
C THR B 422 -0.18 9.20 10.71
N ALA B 423 -1.03 9.90 11.46
CA ALA B 423 -0.72 11.29 11.83
C ALA B 423 -0.63 11.53 13.34
N VAL B 424 -0.79 10.48 14.13
CA VAL B 424 -0.67 10.58 15.59
C VAL B 424 0.70 11.13 16.01
N ASP B 425 0.69 12.20 16.80
CA ASP B 425 1.92 12.89 17.19
C ASP B 425 2.78 13.31 16.00
N ARG B 426 2.11 13.76 14.94
CA ARG B 426 2.80 14.32 13.78
C ARG B 426 3.84 15.35 14.18
N ASP B 427 5.04 15.19 13.65
CA ASP B 427 6.10 16.19 13.80
C ASP B 427 5.89 17.18 12.65
N TRP B 428 5.34 18.35 12.97
CA TRP B 428 5.02 19.37 11.97
C TRP B 428 6.26 19.92 11.27
N ARG B 429 7.42 19.69 11.86
CA ARG B 429 8.66 20.23 11.31
C ARG B 429 9.46 19.23 10.49
N ALA B 430 8.86 18.06 10.21
CA ALA B 430 9.49 17.10 9.31
C ALA B 430 9.60 17.69 7.89
N THR B 431 10.72 17.45 7.22
CA THR B 431 10.99 18.08 5.91
C THR B 431 10.35 17.34 4.74
N GLN B 432 9.83 16.14 5.01
CA GLN B 432 8.98 15.41 4.07
C GLN B 432 9.52 15.37 2.64
N ASN B 433 10.79 14.97 2.52
CA ASN B 433 11.44 14.72 1.23
C ASN B 433 11.62 15.97 0.37
N ARG B 434 11.72 17.11 1.04
CA ARG B 434 12.02 18.38 0.39
C ARG B 434 13.39 18.88 0.85
N PHE B 435 14.05 19.69 0.03
CA PHE B 435 15.41 20.20 0.31
C PHE B 435 15.53 21.66 -0.08
N GLY B 436 16.62 22.30 0.31
CA GLY B 436 16.86 23.69 -0.05
C GLY B 436 16.80 24.65 1.12
N GLY B 437 17.33 25.86 0.93
CA GLY B 437 17.34 26.84 2.00
C GLY B 437 18.02 26.33 3.26
N PRO B 438 17.43 26.59 4.43
CA PRO B 438 18.00 26.10 5.69
C PRO B 438 17.76 24.59 5.92
N ASP B 439 17.17 23.90 4.95
CA ASP B 439 16.84 22.47 5.07
C ASP B 439 16.08 22.15 6.35
N ARG B 440 15.10 22.99 6.65
CA ARG B 440 14.19 22.77 7.77
C ARG B 440 12.90 23.53 7.47
N ILE B 441 11.80 23.09 8.08
CA ILE B 441 10.56 23.84 8.03
C ILE B 441 10.78 25.21 8.65
N MET B 442 10.37 26.27 7.95
CA MET B 442 10.49 27.60 8.49
C MET B 442 9.13 28.08 9.01
N ASP B 443 9.14 29.17 9.77
CA ASP B 443 7.94 29.63 10.46
C ASP B 443 7.76 31.13 10.20
N PHE B 444 6.64 31.51 9.59
CA PHE B 444 6.36 32.92 9.30
C PHE B 444 6.31 33.77 10.58
N GLN B 445 6.02 33.15 11.72
CA GLN B 445 6.02 33.89 13.00
C GLN B 445 7.43 34.41 13.36
N GLN B 446 8.46 33.84 12.73
CA GLN B 446 9.84 34.26 12.98
C GLN B 446 10.35 35.20 11.91
N VAL B 447 9.48 35.60 10.99
CA VAL B 447 9.89 36.51 9.95
C VAL B 447 9.49 37.91 10.38
N GLY B 448 10.47 38.79 10.56
CA GLY B 448 10.22 40.16 10.98
C GLY B 448 9.33 40.89 9.99
N GLU B 449 8.50 41.81 10.49
CA GLU B 449 7.59 42.56 9.62
C GLU B 449 8.31 43.35 8.54
N ASP B 450 9.55 43.74 8.80
CA ASP B 450 10.36 44.49 7.83
C ASP B 450 11.28 43.59 6.99
N GLN B 451 11.07 42.28 7.06
CA GLN B 451 11.95 41.30 6.40
C GLN B 451 11.31 40.63 5.18
N TRP B 452 10.42 41.36 4.51
CA TRP B 452 9.73 40.87 3.33
C TRP B 452 10.11 41.75 2.17
N THR B 453 9.91 41.25 0.95
CA THR B 453 10.03 42.13 -0.22
C THR B 453 9.03 43.27 -0.13
N LYS B 454 9.31 44.34 -0.87
CA LYS B 454 8.54 45.55 -0.78
C LYS B 454 8.17 46.02 -2.19
N ILE B 455 7.77 45.05 -3.00
CA ILE B 455 7.38 45.31 -4.38
C ILE B 455 6.17 46.22 -4.42
N GLY B 456 6.32 47.35 -5.12
CA GLY B 456 5.26 48.32 -5.26
C GLY B 456 4.92 49.11 -4.01
N GLU B 457 5.78 49.08 -3.01
CA GLU B 457 5.55 49.85 -1.77
C GLU B 457 6.08 51.27 -1.81
N SER B 458 5.48 52.12 -1.00
CA SER B 458 5.80 53.55 -0.97
C SER B 458 5.99 54.06 0.46
PA FAD C . 6.64 -25.63 6.32
O1A FAD C . 6.62 -25.25 7.80
O2A FAD C . 5.44 -26.41 5.84
O5B FAD C . 7.90 -26.60 6.07
C5B FAD C . 9.18 -26.12 6.46
C4B FAD C . 10.06 -27.32 6.53
O4B FAD C . 11.43 -26.77 6.62
C3B FAD C . 9.78 -28.14 7.73
O3B FAD C . 9.61 -29.52 7.34
C2B FAD C . 10.96 -27.97 8.62
O2B FAD C . 11.29 -29.20 9.37
C1B FAD C . 12.02 -27.64 7.67
N9A FAD C . 13.15 -27.05 8.24
C8A FAD C . 13.32 -26.27 9.21
N7A FAD C . 14.31 -25.97 9.49
C5A FAD C . 15.26 -26.37 8.90
C6A FAD C . 16.82 -26.44 8.69
N6A FAD C . 17.70 -25.69 9.55
N1A FAD C . 17.31 -27.26 7.65
C2A FAD C . 16.48 -27.89 6.92
N3A FAD C . 15.32 -27.92 6.97
C4A FAD C . 14.59 -27.35 7.75
N1 FAD C . -2.35 -21.69 4.70
C2 FAD C . -3.49 -21.88 3.79
O2 FAD C . -3.31 -21.76 2.59
N3 FAD C . -4.79 -22.22 4.33
C4 FAD C . -4.98 -22.36 5.71
O4 FAD C . -6.06 -22.65 6.22
C4X FAD C . -3.84 -22.16 6.60
N5 FAD C . -4.02 -22.28 7.91
C5X FAD C . -2.90 -22.13 8.79
C6 FAD C . -3.11 -22.29 10.17
C7 FAD C . -2.02 -22.13 11.05
C7M FAD C . -2.30 -22.32 12.53
C8 FAD C . -0.75 -21.81 10.53
C8M FAD C . 0.51 -21.51 11.41
C9 FAD C . -0.55 -21.64 9.16
C9A FAD C . -1.63 -21.81 8.27
N10 FAD C . -1.42 -21.64 6.87
C10 FAD C . -2.50 -21.83 6.03
C1' FAD C . -0.11 -21.29 6.37
C2' FAD C . 0.65 -22.51 5.84
O2' FAD C . 0.65 -23.54 6.78
C3' FAD C . 2.07 -22.09 5.50
O3' FAD C . 2.09 -20.93 4.71
C4' FAD C . 2.74 -23.18 4.68
O4' FAD C . 2.51 -24.47 5.22
C5' FAD C . 4.23 -22.88 4.67
O5' FAD C . 4.89 -23.89 3.93
P FAD C . 6.49 -23.97 4.01
O1P FAD C . 7.08 -22.58 3.74
O2P FAD C . 7.00 -25.06 3.10
O3P FAD C . 6.91 -24.29 5.50
C1 GOL D . -33.49 -24.51 13.66
O1 GOL D . -32.98 -23.23 13.39
C2 GOL D . -32.73 -25.49 12.79
O2 GOL D . -33.04 -25.22 11.42
C3 GOL D . -31.27 -25.17 13.13
O3 GOL D . -31.00 -25.78 14.37
C1 GOL E . -1.77 -11.80 -0.68
O1 GOL E . -0.97 -10.65 -0.82
C2 GOL E . -2.93 -11.50 0.27
O2 GOL E . -4.13 -12.02 -0.28
C3 GOL E . -2.66 -12.15 1.63
O3 GOL E . -3.55 -11.68 2.63
C1 GOL F . 1.81 -12.04 25.11
O1 GOL F . 2.19 -10.74 24.65
C2 GOL F . 0.45 -12.06 25.82
O2 GOL F . -0.54 -12.63 24.98
C3 GOL F . 0.54 -12.94 27.07
O3 GOL F . -0.59 -12.74 27.88
C1 GOL G . -2.55 -40.95 -6.04
O1 GOL G . -2.84 -42.32 -6.24
C2 GOL G . -1.59 -40.76 -4.86
O2 GOL G . -0.40 -40.15 -5.30
C3 GOL G . -2.29 -39.91 -3.81
O3 GOL G . -1.73 -40.18 -2.53
C1 GOL H . 12.30 -24.45 14.73
O1 GOL H . 12.67 -23.76 13.54
C2 GOL H . 13.46 -24.71 15.70
O2 GOL H . 14.50 -23.77 15.50
C3 GOL H . 12.95 -24.61 17.15
O3 GOL H . 13.88 -25.14 18.08
C1 GOL I . -4.24 -16.58 10.51
O1 GOL I . -4.68 -15.31 10.05
C2 GOL I . -3.40 -17.29 9.44
O2 GOL I . -2.17 -16.65 9.29
C3 GOL I . -3.13 -18.72 9.88
O3 GOL I . -4.36 -19.35 10.23
C1 GOL J . -10.71 -6.69 21.93
O1 GOL J . -9.71 -6.29 21.01
C2 GOL J . -12.13 -6.32 21.44
O2 GOL J . -12.25 -4.92 21.27
C3 GOL J . -12.43 -7.09 20.16
O3 GOL J . -13.81 -7.12 19.81
PA FAD K . -6.56 25.36 -4.17
O1A FAD K . -6.13 25.34 -5.61
O2A FAD K . -5.76 26.28 -3.29
O5B FAD K . -8.09 25.82 -4.10
C5B FAD K . -8.62 25.98 -2.79
C4B FAD K . -9.84 26.82 -2.92
O4B FAD K . -10.59 26.65 -1.64
C3B FAD K . -9.53 28.25 -3.08
O3B FAD K . -10.21 28.73 -4.27
C2B FAD K . -9.99 28.93 -1.85
O2B FAD K . -10.51 30.29 -2.05
C1B FAD K . -11.07 28.03 -1.41
N9A FAD K . -11.47 28.21 -0.09
C8A FAD K . -10.87 28.51 0.97
N7A FAD K . -11.43 28.61 1.90
C5A FAD K . -12.61 28.45 1.91
C6A FAD K . -13.98 28.42 2.67
N6A FAD K . -14.05 28.69 4.08
N1A FAD K . -15.15 28.10 1.92
C2A FAD K . -15.04 27.86 0.70
N3A FAD K . -14.09 27.86 0.04
C4A FAD K . -12.94 28.08 0.36
N1 FAD K . 1.48 21.12 -8.06
C2 FAD K . 1.86 20.47 -9.31
O2 FAD K . 1.26 19.47 -9.66
N3 FAD K . 2.95 21.01 -10.12
C4 FAD K . 3.63 22.16 -9.69
O4 FAD K . 4.54 22.64 -10.35
C4X FAD K . 3.24 22.80 -8.45
N5 FAD K . 3.88 23.88 -8.05
C5X FAD K . 3.47 24.53 -6.83
C6 FAD K . 4.14 25.69 -6.42
C7 FAD K . 3.74 26.32 -5.22
C7M FAD K . 4.49 27.58 -4.81
C8 FAD K . 2.69 25.77 -4.47
C8M FAD K . 2.20 26.31 -3.09
C9 FAD K . 2.04 24.63 -4.88
C9A FAD K . 2.43 24.00 -6.07
N10 FAD K . 1.74 22.83 -6.46
C10 FAD K . 2.11 22.22 -7.65
C1' FAD K . 0.67 22.28 -5.65
C2' FAD K . -0.69 22.66 -6.20
O2' FAD K . -0.69 24.04 -6.40
C3' FAD K . -1.77 22.23 -5.21
O3' FAD K . -1.54 20.89 -4.81
C4' FAD K . -3.16 22.28 -5.84
O4' FAD K . -3.39 23.50 -6.53
C5' FAD K . -4.16 22.16 -4.71
O5' FAD K . -5.49 22.21 -5.25
P FAD K . -6.71 22.47 -4.22
O1P FAD K . -6.63 21.39 -3.13
O2P FAD K . -8.01 22.45 -4.98
O3P FAD K . -6.48 23.89 -3.51
C1 GOL L . -15.23 38.37 -2.66
O1 GOL L . -16.31 39.26 -2.84
C2 GOL L . -13.92 39.11 -2.45
O2 GOL L . -12.84 38.21 -2.52
C3 GOL L . -13.73 40.19 -3.50
O3 GOL L . -14.15 41.41 -2.95
C1 GOL M . -13.53 23.44 13.56
O1 GOL M . -13.78 22.72 12.38
C2 GOL M . -12.17 23.01 14.11
O2 GOL M . -12.25 21.67 14.55
C3 GOL M . -11.14 23.10 12.98
O3 GOL M . -10.08 22.21 13.27
C1 GOL N . 9.12 17.98 -4.93
O1 GOL N . 8.00 18.45 -4.21
C2 GOL N . 10.25 17.76 -3.95
O2 GOL N . 9.90 16.69 -3.08
C3 GOL N . 11.53 17.42 -4.70
O3 GOL N . 12.55 17.05 -3.80
C1 GOL O . 6.18 13.49 10.70
O1 GOL O . 5.45 13.04 11.83
C2 GOL O . 5.72 12.73 9.46
O2 GOL O . 4.32 12.75 9.40
C3 GOL O . 6.24 13.42 8.19
O3 GOL O . 6.32 12.46 7.15
C1 GOL P . 5.97 23.08 -4.64
O1 GOL P . 5.17 22.02 -5.13
C2 GOL P . 6.37 22.70 -3.23
O2 GOL P . 5.72 21.51 -2.86
C3 GOL P . 7.88 22.50 -3.17
O3 GOL P . 8.21 21.13 -3.22
#